data_6MGP
#
_entry.id   6MGP
#
_cell.length_a   102.013
_cell.length_b   229.378
_cell.length_c   114.900
_cell.angle_alpha   90.000
_cell.angle_beta   90.000
_cell.angle_gamma   90.000
#
_symmetry.space_group_name_H-M   'C 2 2 21'
#
loop_
_entity.id
_entity.type
_entity.pdbx_description
1 polymer 'Tumor necrosis factor ligand superfamily member 9'
2 polymer 'Tumor necrosis factor receptor superfamily member 9'
3 branched alpha-L-fucopyranose-(1-3)-[2-acetamido-2-deoxy-beta-D-glucopyranose-(1-4)][alpha-L-fucopyranose-(1-6)]2-acetamido-2-deoxy-beta-D-glucopyranose
4 non-polymer 'ACETATE ION'
5 non-polymer GLYCEROL
6 water water
#
loop_
_entity_poly.entity_id
_entity_poly.type
_entity_poly.pdbx_seq_one_letter_code
_entity_poly.pdbx_strand_id
1 'polypeptide(L)'
;ARASPGSAASPRLREGPELSPDDPAGLLDLRQGMFAQLVAQNVLLIDGPLSWYSDPGLAGVSLTGGLSYKEDTKELVVAK
AGVYYVFFQLELRRVVAGEGSGSVSLALHLQPLRSAAGAAALALTVDLPPASSEARNSAFGFQGRLLHLSAGQRLGVHLH
TEARARHAWQLTQGATVLGLFRVTPEIPAGLPSPRSEGSHHHHHHHH
;
A,B,C
2 'polypeptide(L)'
;QDPCSNCPAGTFCDNNRNQICSPCPPNSFSSAGGQRTCDICRQCKGVFRTRKECSSTSNAECDCTPGFHCLGAGCSMCEQ
DCKQGQELTKKGCKDCCFGTFNDQKRGICRPWTNCSLDGKSVLVNGTKERDVVCGPSPENLYFQ
;
X,Y,Z
#
loop_
_chem_comp.id
_chem_comp.type
_chem_comp.name
_chem_comp.formula
ACT non-polymer 'ACETATE ION' 'C2 H3 O2 -1'
FUC L-saccharide, alpha linking alpha-L-fucopyranose 'C6 H12 O5'
GOL non-polymer GLYCEROL 'C3 H8 O3'
NAG D-saccharide, beta linking 2-acetamido-2-deoxy-beta-D-glucopyranose 'C8 H15 N O6'
#
# COMPACT_ATOMS: atom_id res chain seq x y z
N GLY A 33 -15.94 -15.33 -24.63
CA GLY A 33 -14.93 -15.48 -23.59
C GLY A 33 -15.53 -15.87 -22.24
N MET A 34 -14.68 -15.95 -21.21
CA MET A 34 -15.11 -16.36 -19.88
C MET A 34 -14.50 -15.40 -18.85
N PHE A 35 -15.33 -14.57 -18.24
CA PHE A 35 -14.85 -13.60 -17.27
C PHE A 35 -16.03 -13.14 -16.42
N ALA A 36 -15.71 -12.48 -15.31
CA ALA A 36 -16.72 -11.90 -14.44
C ALA A 36 -16.07 -10.83 -13.57
N GLN A 37 -16.84 -9.80 -13.27
CA GLN A 37 -16.44 -8.76 -12.32
C GLN A 37 -17.66 -8.40 -11.50
N LEU A 38 -17.56 -8.62 -10.19
CA LEU A 38 -18.62 -8.31 -9.25
C LEU A 38 -18.22 -7.12 -8.40
N VAL A 39 -19.21 -6.31 -8.03
CA VAL A 39 -19.02 -5.14 -7.18
C VAL A 39 -19.74 -5.38 -5.86
N ALA A 40 -19.01 -5.24 -4.76
CA ALA A 40 -19.58 -5.52 -3.45
C ALA A 40 -20.74 -4.58 -3.14
N GLN A 41 -21.74 -5.12 -2.44
CA GLN A 41 -22.89 -4.36 -1.99
C GLN A 41 -22.68 -3.76 -0.60
N ASN A 42 -21.92 -4.44 0.25
CA ASN A 42 -21.74 -3.99 1.62
C ASN A 42 -21.03 -2.63 1.65
N VAL A 43 -21.35 -1.86 2.69
CA VAL A 43 -20.63 -0.62 2.97
C VAL A 43 -20.15 -0.64 4.42
N LEU A 44 -20.96 -1.22 5.31
CA LEU A 44 -20.63 -1.24 6.73
C LEU A 44 -19.62 -2.35 7.03
N LEU A 45 -18.68 -2.07 7.92
CA LEU A 45 -17.63 -3.04 8.26
C LEU A 45 -18.18 -4.06 9.23
N ILE A 46 -18.62 -5.22 8.71
CA ILE A 46 -19.16 -6.30 9.52
C ILE A 46 -18.45 -7.58 9.15
N ASP A 47 -18.07 -8.37 10.16
CA ASP A 47 -17.42 -9.65 9.92
C ASP A 47 -18.39 -10.62 9.26
N GLY A 48 -18.03 -11.11 8.09
CA GLY A 48 -18.82 -12.11 7.40
C GLY A 48 -18.61 -12.10 5.90
N PRO A 49 -19.44 -12.85 5.19
CA PRO A 49 -19.31 -12.91 3.72
C PRO A 49 -19.84 -11.64 3.07
N LEU A 50 -19.14 -11.18 2.04
CA LEU A 50 -19.62 -10.05 1.25
C LEU A 50 -20.73 -10.49 0.30
N SER A 51 -21.72 -9.62 0.12
CA SER A 51 -22.77 -9.73 -0.89
C SER A 51 -22.37 -8.92 -2.12
N TRP A 52 -22.80 -9.37 -3.30
CA TRP A 52 -22.27 -8.83 -4.54
C TRP A 52 -23.38 -8.42 -5.51
N TYR A 53 -23.17 -7.31 -6.22
CA TYR A 53 -23.99 -6.98 -7.37
C TYR A 53 -23.55 -7.86 -8.54
N SER A 54 -24.51 -8.41 -9.28
CA SER A 54 -24.16 -9.36 -10.33
C SER A 54 -24.87 -9.16 -11.66
N ASP A 55 -25.85 -8.27 -11.75
CA ASP A 55 -26.50 -8.01 -13.02
C ASP A 55 -25.59 -7.16 -13.90
N PRO A 56 -25.23 -7.61 -15.11
CA PRO A 56 -24.32 -6.84 -15.96
C PRO A 56 -24.93 -5.56 -16.53
N GLY A 57 -26.21 -5.28 -16.28
CA GLY A 57 -26.73 -3.96 -16.62
C GLY A 57 -26.21 -2.82 -15.75
N LEU A 58 -25.40 -3.11 -14.74
CA LEU A 58 -24.78 -2.09 -13.89
C LEU A 58 -23.36 -1.79 -14.36
N ALA A 59 -23.00 -0.50 -14.32
CA ALA A 59 -21.62 -0.09 -14.56
C ALA A 59 -20.65 -0.83 -13.64
N GLY A 60 -19.65 -1.45 -14.23
CA GLY A 60 -18.63 -2.15 -13.45
C GLY A 60 -18.88 -3.62 -13.24
N VAL A 61 -20.08 -4.12 -13.52
CA VAL A 61 -20.43 -5.51 -13.28
C VAL A 61 -20.54 -6.23 -14.62
N SER A 62 -19.89 -7.38 -14.72
CA SER A 62 -20.00 -8.22 -15.90
C SER A 62 -20.01 -9.67 -15.48
N LEU A 63 -20.65 -10.49 -16.31
CA LEU A 63 -20.85 -11.90 -16.00
C LEU A 63 -21.21 -12.60 -17.31
N THR A 64 -20.29 -13.41 -17.84
CA THR A 64 -20.55 -14.19 -19.03
C THR A 64 -21.15 -15.53 -18.67
N GLY A 65 -21.62 -16.24 -19.70
CA GLY A 65 -22.05 -17.61 -19.49
C GLY A 65 -20.88 -18.49 -19.07
N GLY A 66 -21.19 -19.51 -18.29
CA GLY A 66 -20.17 -20.30 -17.63
C GLY A 66 -19.75 -19.76 -16.29
N LEU A 67 -20.33 -18.64 -15.86
CA LEU A 67 -20.14 -18.08 -14.54
C LEU A 67 -21.46 -17.47 -14.11
N SER A 68 -21.82 -17.69 -12.84
CA SER A 68 -23.09 -17.20 -12.34
C SER A 68 -22.94 -16.88 -10.86
N TYR A 69 -23.89 -16.12 -10.35
CA TYR A 69 -23.86 -15.65 -8.97
C TYR A 69 -25.03 -16.26 -8.21
N LYS A 70 -24.73 -16.98 -7.13
CA LYS A 70 -25.73 -17.59 -6.28
C LYS A 70 -25.99 -16.64 -5.11
N GLU A 71 -27.17 -16.00 -5.11
CA GLU A 71 -27.42 -14.87 -4.22
C GLU A 71 -27.56 -15.31 -2.76
N ASP A 72 -28.25 -16.43 -2.52
CA ASP A 72 -28.53 -16.83 -1.14
C ASP A 72 -27.25 -17.22 -0.41
N THR A 73 -26.26 -17.76 -1.11
CA THR A 73 -25.00 -18.15 -0.49
C THR A 73 -23.87 -17.17 -0.78
N LYS A 74 -24.15 -16.10 -1.53
CA LYS A 74 -23.16 -15.07 -1.85
C LYS A 74 -21.92 -15.67 -2.51
N GLU A 75 -22.12 -16.58 -3.45
CA GLU A 75 -21.03 -17.30 -4.08
C GLU A 75 -21.04 -17.09 -5.59
N LEU A 76 -19.86 -16.86 -6.14
CA LEU A 76 -19.66 -16.88 -7.59
C LEU A 76 -19.34 -18.31 -8.01
N VAL A 77 -20.09 -18.83 -8.97
CA VAL A 77 -20.00 -20.23 -9.37
C VAL A 77 -19.33 -20.30 -10.74
N VAL A 78 -18.24 -21.06 -10.83
CA VAL A 78 -17.55 -21.30 -12.08
C VAL A 78 -18.09 -22.59 -12.70
N ALA A 79 -18.37 -22.54 -14.00
CA ALA A 79 -18.95 -23.71 -14.67
C ALA A 79 -17.95 -24.52 -15.48
N LYS A 80 -16.94 -23.89 -16.07
CA LYS A 80 -15.98 -24.59 -16.90
C LYS A 80 -14.61 -24.52 -16.25
N ALA A 81 -13.96 -25.68 -16.12
CA ALA A 81 -12.66 -25.77 -15.48
C ALA A 81 -11.60 -25.05 -16.30
N GLY A 82 -10.54 -24.65 -15.60
CA GLY A 82 -9.42 -23.97 -16.23
C GLY A 82 -8.67 -23.13 -15.21
N VAL A 83 -7.63 -22.47 -15.69
CA VAL A 83 -6.83 -21.56 -14.87
C VAL A 83 -7.30 -20.15 -15.15
N TYR A 84 -7.69 -19.44 -14.10
CA TYR A 84 -8.15 -18.07 -14.22
C TYR A 84 -7.19 -17.13 -13.49
N TYR A 85 -7.10 -15.90 -13.98
CA TYR A 85 -6.50 -14.82 -13.23
C TYR A 85 -7.60 -14.22 -12.36
N VAL A 86 -7.50 -14.40 -11.05
CA VAL A 86 -8.49 -13.91 -10.11
C VAL A 86 -7.87 -12.77 -9.32
N PHE A 87 -8.62 -11.69 -9.15
CA PHE A 87 -8.12 -10.51 -8.46
C PHE A 87 -9.28 -9.88 -7.69
N PHE A 88 -8.97 -9.26 -6.56
CA PHE A 88 -9.95 -8.42 -5.92
C PHE A 88 -9.25 -7.20 -5.34
N GLN A 89 -10.03 -6.14 -5.15
CA GLN A 89 -9.52 -4.91 -4.58
C GLN A 89 -10.44 -4.44 -3.48
N LEU A 90 -9.85 -3.77 -2.50
CA LEU A 90 -10.52 -3.33 -1.28
C LEU A 90 -10.21 -1.87 -1.09
N GLU A 91 -11.23 -1.02 -1.16
CA GLU A 91 -11.06 0.41 -0.91
C GLU A 91 -11.99 0.83 0.22
N LEU A 92 -11.45 1.57 1.17
CA LEU A 92 -12.20 2.03 2.33
C LEU A 92 -12.06 3.54 2.45
N ARG A 93 -13.13 4.19 2.89
CA ARG A 93 -13.13 5.63 3.08
C ARG A 93 -13.55 5.92 4.51
N ARG A 94 -12.91 6.93 5.12
CA ARG A 94 -13.28 7.38 6.45
C ARG A 94 -14.55 8.22 6.36
N VAL A 95 -15.60 7.78 7.06
CA VAL A 95 -16.88 8.46 7.02
C VAL A 95 -17.16 9.32 8.25
N VAL A 96 -16.39 9.16 9.33
CA VAL A 96 -16.50 10.01 10.52
C VAL A 96 -15.17 10.73 10.71
N ALA A 97 -15.19 12.05 10.65
CA ALA A 97 -13.97 12.84 10.75
C ALA A 97 -13.30 12.62 12.09
N GLY A 98 -12.00 12.39 12.06
CA GLY A 98 -11.22 12.32 13.27
C GLY A 98 -11.29 11.01 14.02
N GLU A 99 -11.93 9.98 13.46
CA GLU A 99 -12.15 8.74 14.19
C GLU A 99 -11.82 7.54 13.32
N GLY A 100 -11.63 6.40 13.98
CA GLY A 100 -11.45 5.12 13.30
C GLY A 100 -10.01 4.73 13.06
N SER A 101 -9.67 3.49 13.39
CA SER A 101 -8.31 2.99 13.25
C SER A 101 -8.31 1.47 13.29
N GLY A 102 -7.30 0.87 12.65
CA GLY A 102 -7.12 -0.57 12.70
C GLY A 102 -6.86 -1.19 11.35
N SER A 103 -7.44 -2.36 11.09
CA SER A 103 -7.19 -3.09 9.85
C SER A 103 -8.47 -3.78 9.41
N VAL A 104 -8.52 -4.07 8.11
CA VAL A 104 -9.64 -4.77 7.47
C VAL A 104 -9.05 -5.77 6.47
N SER A 105 -9.60 -6.98 6.45
CA SER A 105 -9.04 -8.02 5.62
C SER A 105 -10.10 -8.67 4.73
N LEU A 106 -9.71 -8.98 3.49
CA LEU A 106 -10.51 -9.75 2.56
C LEU A 106 -9.88 -11.13 2.37
N ALA A 107 -10.73 -12.13 2.19
CA ALA A 107 -10.23 -13.49 1.95
C ALA A 107 -11.14 -14.18 0.95
N LEU A 108 -10.55 -14.69 -0.13
CA LEU A 108 -11.28 -15.47 -1.12
C LEU A 108 -11.22 -16.94 -0.76
N HIS A 109 -12.39 -17.57 -0.66
CA HIS A 109 -12.49 -18.97 -0.23
C HIS A 109 -13.15 -19.80 -1.33
N LEU A 110 -12.52 -20.93 -1.65
CA LEU A 110 -13.14 -21.93 -2.50
C LEU A 110 -13.93 -22.90 -1.64
N GLN A 111 -15.20 -23.09 -1.96
CA GLN A 111 -15.92 -24.28 -1.53
C GLN A 111 -16.37 -25.03 -2.78
N PRO A 112 -16.00 -26.31 -2.97
CA PRO A 112 -15.27 -27.33 -2.19
C PRO A 112 -14.11 -26.83 -1.32
N LEU A 113 -14.37 -26.72 -0.01
CA LEU A 113 -13.45 -26.08 0.92
C LEU A 113 -12.24 -26.93 1.30
N ARG A 114 -12.23 -28.20 0.94
CA ARG A 114 -11.15 -29.14 1.30
C ARG A 114 -11.00 -29.11 2.82
N SER A 115 -9.81 -28.92 3.36
CA SER A 115 -9.62 -28.87 4.81
C SER A 115 -9.37 -27.44 5.27
N ALA A 119 -6.73 -22.68 4.48
CA ALA A 119 -6.07 -21.65 3.68
C ALA A 119 -7.08 -20.89 2.80
N ALA A 120 -6.67 -19.70 2.35
CA ALA A 120 -7.50 -18.86 1.50
C ALA A 120 -6.80 -18.64 0.17
N ALA A 121 -7.56 -18.71 -0.92
CA ALA A 121 -6.96 -18.59 -2.25
C ALA A 121 -6.29 -17.24 -2.44
N LEU A 122 -6.97 -16.17 -2.01
CA LEU A 122 -6.42 -14.83 -1.99
C LEU A 122 -6.69 -14.21 -0.63
N ALA A 123 -5.76 -13.36 -0.17
CA ALA A 123 -5.85 -12.79 1.17
C ALA A 123 -5.23 -11.41 1.19
N LEU A 124 -6.02 -10.42 1.59
CA LEU A 124 -5.61 -9.02 1.57
C LEU A 124 -5.93 -8.39 2.92
N THR A 125 -4.96 -7.66 3.50
CA THR A 125 -5.23 -6.88 4.70
C THR A 125 -4.85 -5.43 4.44
N VAL A 126 -5.82 -4.53 4.60
CA VAL A 126 -5.62 -3.10 4.42
C VAL A 126 -5.70 -2.42 5.78
N ASP A 127 -4.75 -1.53 6.06
CA ASP A 127 -4.66 -0.87 7.35
C ASP A 127 -5.30 0.51 7.29
N LEU A 128 -6.09 0.82 8.32
CA LEU A 128 -6.81 2.08 8.38
C LEU A 128 -5.98 3.07 9.20
N PRO A 129 -5.45 4.12 8.59
CA PRO A 129 -4.61 5.06 9.35
C PRO A 129 -5.42 5.75 10.42
N PRO A 130 -4.85 5.97 11.60
CA PRO A 130 -5.51 6.84 12.58
C PRO A 130 -5.72 8.22 12.01
N ALA A 131 -6.67 8.94 12.58
CA ALA A 131 -6.98 10.27 12.11
C ALA A 131 -5.86 11.23 12.52
N SER A 132 -5.27 11.90 11.54
CA SER A 132 -4.21 12.88 11.78
C SER A 132 -4.48 14.12 10.95
N SER A 133 -3.77 15.20 11.29
CA SER A 133 -3.81 16.42 10.47
C SER A 133 -3.41 16.12 9.03
N GLU A 134 -2.47 15.18 8.83
CA GLU A 134 -2.13 14.75 7.48
C GLU A 134 -3.35 14.22 6.72
N ALA A 135 -4.39 13.78 7.44
CA ALA A 135 -5.70 13.49 6.87
C ALA A 135 -5.62 12.52 5.70
N ARG A 136 -5.22 11.30 6.02
CA ARG A 136 -5.31 10.18 5.09
C ARG A 136 -6.64 9.49 5.35
N ASN A 137 -7.65 9.78 4.51
CA ASN A 137 -9.01 9.31 4.75
C ASN A 137 -9.45 8.21 3.80
N SER A 138 -8.50 7.55 3.15
CA SER A 138 -8.84 6.39 2.33
C SER A 138 -7.73 5.37 2.47
N ALA A 139 -8.10 4.12 2.21
CA ALA A 139 -7.18 3.00 2.27
C ALA A 139 -7.54 2.04 1.14
N PHE A 140 -6.52 1.40 0.57
CA PHE A 140 -6.72 0.61 -0.63
C PHE A 140 -5.75 -0.56 -0.65
N GLY A 141 -6.21 -1.69 -1.15
CA GLY A 141 -5.33 -2.82 -1.43
C GLY A 141 -5.81 -3.55 -2.67
N PHE A 142 -4.86 -4.21 -3.35
CA PHE A 142 -5.12 -4.99 -4.55
C PHE A 142 -4.27 -6.25 -4.53
N GLN A 143 -4.86 -7.37 -4.95
CA GLN A 143 -4.11 -8.61 -5.11
C GLN A 143 -4.72 -9.41 -6.25
N GLY A 144 -3.87 -9.97 -7.09
CA GLY A 144 -4.32 -10.90 -8.12
C GLY A 144 -3.37 -12.07 -8.23
N ARG A 145 -3.90 -13.21 -8.67
CA ARG A 145 -3.05 -14.35 -8.95
C ARG A 145 -3.79 -15.35 -9.83
N LEU A 146 -3.06 -16.38 -10.27
CA LEU A 146 -3.62 -17.45 -11.07
C LEU A 146 -4.18 -18.54 -10.17
N LEU A 147 -5.42 -18.95 -10.44
CA LEU A 147 -6.13 -19.97 -9.69
C LEU A 147 -6.64 -21.05 -10.62
N HIS A 148 -6.35 -22.30 -10.29
CA HIS A 148 -6.96 -23.42 -10.99
C HIS A 148 -8.32 -23.71 -10.36
N LEU A 149 -9.38 -23.57 -11.15
CA LEU A 149 -10.74 -23.79 -10.68
C LEU A 149 -11.36 -24.96 -11.44
N SER A 150 -12.00 -25.86 -10.71
CA SER A 150 -12.68 -27.00 -11.31
C SER A 150 -14.14 -26.65 -11.61
N ALA A 151 -14.75 -27.45 -12.47
CA ALA A 151 -16.16 -27.25 -12.83
C ALA A 151 -17.04 -27.30 -11.59
N GLY A 152 -17.91 -26.30 -11.46
CA GLY A 152 -18.78 -26.22 -10.30
C GLY A 152 -18.18 -25.54 -9.09
N GLN A 153 -16.96 -24.99 -9.19
CA GLN A 153 -16.32 -24.39 -8.04
C GLN A 153 -17.01 -23.09 -7.64
N ARG A 154 -17.23 -22.93 -6.34
CA ARG A 154 -17.89 -21.75 -5.81
C ARG A 154 -16.89 -20.89 -5.05
N LEU A 155 -17.00 -19.58 -5.23
CA LEU A 155 -16.07 -18.61 -4.65
C LEU A 155 -16.80 -17.69 -3.70
N GLY A 156 -16.31 -17.59 -2.47
CA GLY A 156 -16.83 -16.66 -1.50
C GLY A 156 -15.74 -15.70 -1.07
N VAL A 157 -16.14 -14.47 -0.77
CA VAL A 157 -15.22 -13.48 -0.22
C VAL A 157 -15.70 -13.09 1.17
N HIS A 158 -14.82 -13.22 2.16
CA HIS A 158 -15.16 -12.94 3.54
C HIS A 158 -14.42 -11.71 4.04
N LEU A 159 -15.13 -10.88 4.79
CA LEU A 159 -14.59 -9.64 5.33
C LEU A 159 -14.38 -9.83 6.83
N HIS A 160 -13.17 -9.53 7.31
CA HIS A 160 -12.86 -9.57 8.73
C HIS A 160 -12.36 -8.19 9.16
N THR A 161 -12.84 -7.73 10.31
CA THR A 161 -12.49 -6.41 10.84
C THR A 161 -11.83 -6.56 12.20
N GLU A 162 -10.69 -5.87 12.37
CA GLU A 162 -10.04 -5.70 13.68
C GLU A 162 -9.76 -4.21 13.79
N ALA A 163 -10.79 -3.44 14.15
CA ALA A 163 -10.70 -2.00 14.13
C ALA A 163 -11.36 -1.41 15.37
N ARG A 164 -10.85 -0.25 15.80
CA ARG A 164 -11.48 0.55 16.83
C ARG A 164 -12.32 1.63 16.17
N ALA A 165 -13.53 1.85 16.68
CA ALA A 165 -14.50 2.77 16.11
C ALA A 165 -14.76 2.44 14.63
N ARG A 166 -15.22 1.21 14.38
CA ARG A 166 -15.41 0.78 13.00
C ARG A 166 -16.52 1.53 12.29
N HIS A 167 -17.39 2.22 13.05
CA HIS A 167 -18.40 3.06 12.41
C HIS A 167 -17.79 4.19 11.61
N ALA A 168 -16.53 4.54 11.88
CA ALA A 168 -15.88 5.67 11.24
C ALA A 168 -15.31 5.34 9.88
N TRP A 169 -15.34 4.07 9.47
CA TRP A 169 -14.79 3.64 8.19
C TRP A 169 -15.84 2.79 7.47
N GLN A 170 -15.86 2.90 6.15
CA GLN A 170 -16.81 2.17 5.33
C GLN A 170 -16.14 1.72 4.04
N LEU A 171 -16.68 0.67 3.43
CA LEU A 171 -16.24 0.26 2.10
C LEU A 171 -16.63 1.33 1.09
N THR A 172 -15.67 1.77 0.29
CA THR A 172 -15.98 2.70 -0.78
C THR A 172 -16.88 2.02 -1.80
N GLN A 173 -18.03 2.63 -2.10
CA GLN A 173 -19.05 2.00 -2.92
C GLN A 173 -18.59 1.93 -4.37
N GLY A 174 -18.65 0.73 -4.96
CA GLY A 174 -18.18 0.55 -6.30
C GLY A 174 -16.70 0.33 -6.42
N ALA A 175 -15.97 0.30 -5.31
CA ALA A 175 -14.52 0.16 -5.33
C ALA A 175 -14.04 -1.09 -4.63
N THR A 176 -14.94 -1.89 -4.06
CA THR A 176 -14.58 -3.22 -3.56
C THR A 176 -15.07 -4.20 -4.61
N VAL A 177 -14.12 -4.78 -5.35
CA VAL A 177 -14.41 -5.49 -6.59
C VAL A 177 -13.73 -6.84 -6.52
N LEU A 178 -14.42 -7.87 -7.03
CA LEU A 178 -13.81 -9.18 -7.28
C LEU A 178 -13.96 -9.52 -8.75
N GLY A 179 -12.84 -9.84 -9.41
CA GLY A 179 -12.86 -10.12 -10.83
C GLY A 179 -12.06 -11.36 -11.18
N LEU A 180 -12.37 -11.92 -12.35
CA LEU A 180 -11.63 -13.06 -12.85
C LEU A 180 -11.88 -13.21 -14.34
N PHE A 181 -10.89 -13.79 -15.03
CA PHE A 181 -11.03 -14.16 -16.43
C PHE A 181 -10.14 -15.36 -16.68
N ARG A 182 -10.58 -16.21 -17.61
CA ARG A 182 -9.88 -17.45 -17.89
C ARG A 182 -8.66 -17.20 -18.75
N VAL A 183 -7.61 -17.99 -18.50
CA VAL A 183 -6.34 -17.86 -19.20
C VAL A 183 -6.09 -19.03 -20.12
N THR A 184 -6.36 -20.26 -19.67
CA THR A 184 -6.27 -21.44 -20.53
C THR A 184 -7.46 -22.33 -20.23
N PRO A 185 -8.13 -22.87 -21.28
CA PRO A 185 -7.79 -22.72 -22.70
C PRO A 185 -8.00 -21.32 -23.26
N GLY B 33 -2.78 -22.29 -24.14
CA GLY B 33 -2.49 -21.64 -22.87
C GLY B 33 -1.01 -21.66 -22.49
N MET B 34 -0.48 -20.52 -22.09
CA MET B 34 0.94 -20.39 -21.79
C MET B 34 1.08 -19.52 -20.54
N PHE B 35 1.37 -20.16 -19.41
CA PHE B 35 1.38 -19.46 -18.15
C PHE B 35 2.21 -20.24 -17.15
N ALA B 36 2.64 -19.55 -16.09
CA ALA B 36 3.35 -20.15 -14.98
C ALA B 36 3.09 -19.33 -13.73
N GLN B 37 3.04 -20.02 -12.59
CA GLN B 37 3.00 -19.37 -11.29
C GLN B 37 3.85 -20.19 -10.33
N LEU B 38 4.80 -19.53 -9.68
CA LEU B 38 5.69 -20.17 -8.71
C LEU B 38 5.45 -19.57 -7.33
N VAL B 39 5.69 -20.39 -6.31
CA VAL B 39 5.60 -20.00 -4.90
C VAL B 39 6.99 -20.08 -4.31
N ALA B 40 7.42 -19.02 -3.61
CA ALA B 40 8.77 -18.99 -3.08
C ALA B 40 8.92 -19.98 -1.94
N GLN B 41 10.06 -20.65 -1.91
CA GLN B 41 10.43 -21.48 -0.77
C GLN B 41 10.96 -20.67 0.40
N ASN B 42 11.44 -19.45 0.15
CA ASN B 42 12.21 -18.71 1.14
C ASN B 42 11.35 -18.26 2.30
N VAL B 43 11.91 -18.35 3.50
CA VAL B 43 11.24 -17.96 4.73
C VAL B 43 11.98 -16.80 5.41
N LEU B 44 13.31 -16.90 5.50
CA LEU B 44 14.11 -15.93 6.22
C LEU B 44 14.45 -14.73 5.33
N LEU B 45 14.47 -13.55 5.94
CA LEU B 45 14.84 -12.32 5.26
C LEU B 45 16.34 -12.29 5.07
N ILE B 46 16.80 -12.72 3.89
CA ILE B 46 18.21 -12.66 3.51
C ILE B 46 18.31 -12.05 2.12
N ASP B 47 19.31 -11.21 1.91
CA ASP B 47 19.52 -10.63 0.60
C ASP B 47 19.96 -11.72 -0.37
N GLY B 48 19.36 -11.74 -1.56
CA GLY B 48 19.79 -12.67 -2.57
C GLY B 48 18.63 -13.23 -3.37
N PRO B 49 18.92 -14.19 -4.25
CA PRO B 49 17.87 -14.75 -5.11
C PRO B 49 16.92 -15.65 -4.34
N LEU B 50 15.63 -15.51 -4.63
CA LEU B 50 14.65 -16.42 -4.08
C LEU B 50 14.70 -17.77 -4.78
N SER B 51 14.37 -18.82 -4.04
CA SER B 51 14.14 -20.16 -4.58
C SER B 51 12.64 -20.42 -4.65
N TRP B 52 12.24 -21.24 -5.63
CA TRP B 52 10.82 -21.39 -5.95
C TRP B 52 10.41 -22.85 -6.00
N TYR B 53 9.16 -23.10 -5.63
CA TYR B 53 8.52 -24.37 -5.88
C TYR B 53 8.00 -24.39 -7.30
N SER B 54 8.22 -25.52 -7.99
CA SER B 54 7.84 -25.64 -9.40
C SER B 54 7.03 -26.89 -9.71
N ASP B 55 6.72 -27.71 -8.72
CA ASP B 55 5.90 -28.88 -8.97
C ASP B 55 4.43 -28.48 -8.98
N PRO B 56 3.71 -28.68 -10.09
CA PRO B 56 2.30 -28.25 -10.15
C PRO B 56 1.39 -29.01 -9.21
N GLY B 57 1.83 -30.15 -8.68
CA GLY B 57 1.07 -30.84 -7.66
C GLY B 57 0.80 -30.02 -6.41
N LEU B 58 1.59 -28.97 -6.17
CA LEU B 58 1.43 -28.14 -4.98
C LEU B 58 0.48 -26.97 -5.24
N ALA B 59 -0.25 -26.59 -4.18
CA ALA B 59 -1.19 -25.48 -4.27
C ALA B 59 -0.48 -24.20 -4.67
N GLY B 60 -1.08 -23.45 -5.60
CA GLY B 60 -0.52 -22.19 -6.06
C GLY B 60 0.50 -22.30 -7.17
N VAL B 61 0.93 -23.50 -7.53
CA VAL B 61 1.98 -23.71 -8.52
C VAL B 61 1.37 -24.36 -9.75
N SER B 62 1.53 -23.72 -10.90
CA SER B 62 1.09 -24.28 -12.16
C SER B 62 2.07 -23.82 -13.24
N LEU B 63 2.32 -24.69 -14.21
CA LEU B 63 3.18 -24.37 -15.33
C LEU B 63 2.68 -25.13 -16.55
N THR B 64 2.82 -24.51 -17.72
CA THR B 64 2.55 -25.19 -18.96
C THR B 64 3.87 -25.57 -19.63
N GLY B 65 3.76 -26.38 -20.68
CA GLY B 65 4.91 -26.60 -21.53
C GLY B 65 5.36 -25.29 -22.15
N GLY B 66 6.66 -25.16 -22.35
CA GLY B 66 7.23 -23.89 -22.78
C GLY B 66 7.60 -22.95 -21.66
N LEU B 67 7.33 -23.33 -20.41
CA LEU B 67 7.82 -22.58 -19.25
C LEU B 67 8.36 -23.60 -18.27
N SER B 68 9.60 -23.39 -17.83
CA SER B 68 10.22 -24.35 -16.92
C SER B 68 11.17 -23.66 -15.95
N TYR B 69 11.24 -24.19 -14.75
CA TYR B 69 12.04 -23.63 -13.66
C TYR B 69 13.35 -24.40 -13.57
N LYS B 70 14.47 -23.71 -13.77
CA LYS B 70 15.78 -24.32 -13.63
C LYS B 70 16.19 -24.18 -12.17
N GLU B 71 16.13 -25.29 -11.44
CA GLU B 71 16.30 -25.26 -10.00
C GLU B 71 17.70 -24.81 -9.58
N ASP B 72 18.73 -25.18 -10.36
CA ASP B 72 20.11 -24.92 -9.96
C ASP B 72 20.53 -23.48 -10.17
N THR B 73 19.81 -22.72 -10.99
CA THR B 73 20.09 -21.30 -11.15
C THR B 73 18.94 -20.42 -10.67
N LYS B 74 17.87 -21.02 -10.14
CA LYS B 74 16.75 -20.29 -9.53
C LYS B 74 16.07 -19.34 -10.52
N GLU B 75 15.90 -19.81 -11.76
CA GLU B 75 15.34 -18.96 -12.81
C GLU B 75 14.18 -19.68 -13.52
N LEU B 76 13.14 -18.91 -13.84
CA LEU B 76 12.07 -19.36 -14.71
C LEU B 76 12.43 -19.02 -16.15
N VAL B 77 12.47 -20.04 -17.01
CA VAL B 77 12.93 -19.90 -18.39
C VAL B 77 11.73 -19.87 -19.32
N VAL B 78 11.68 -18.88 -20.19
CA VAL B 78 10.59 -18.79 -21.15
C VAL B 78 11.06 -19.41 -22.47
N ALA B 79 10.21 -20.25 -23.06
CA ALA B 79 10.58 -20.90 -24.31
C ALA B 79 10.16 -20.06 -25.51
N LYS B 80 8.91 -19.61 -25.54
CA LYS B 80 8.39 -18.87 -26.68
C LYS B 80 8.44 -17.37 -26.39
N ALA B 81 8.97 -16.62 -27.35
CA ALA B 81 8.94 -15.17 -27.25
C ALA B 81 7.50 -14.68 -27.29
N GLY B 82 7.30 -13.47 -26.77
CA GLY B 82 5.99 -12.85 -26.77
C GLY B 82 5.88 -11.80 -25.69
N VAL B 83 4.71 -11.20 -25.62
CA VAL B 83 4.39 -10.24 -24.57
C VAL B 83 3.60 -10.96 -23.48
N TYR B 84 4.04 -10.79 -22.24
CA TYR B 84 3.45 -11.45 -21.08
C TYR B 84 3.02 -10.42 -20.06
N TYR B 85 1.87 -10.64 -19.45
CA TYR B 85 1.52 -9.94 -18.23
C TYR B 85 2.22 -10.67 -17.08
N VAL B 86 3.16 -9.96 -16.44
CA VAL B 86 4.03 -10.53 -15.41
C VAL B 86 3.75 -9.81 -14.10
N PHE B 87 3.57 -10.58 -13.02
CA PHE B 87 3.25 -10.01 -11.73
C PHE B 87 3.98 -10.79 -10.64
N PHE B 88 4.27 -10.11 -9.53
CA PHE B 88 4.66 -10.81 -8.33
C PHE B 88 4.11 -10.07 -7.11
N GLN B 89 4.02 -10.80 -6.01
CA GLN B 89 3.50 -10.25 -4.77
C GLN B 89 4.34 -10.77 -3.61
N LEU B 90 4.38 -9.96 -2.56
CA LEU B 90 5.26 -10.17 -1.42
C LEU B 90 4.41 -9.94 -0.18
N GLU B 91 4.31 -10.96 0.68
CA GLU B 91 3.66 -10.80 1.98
C GLU B 91 4.64 -11.21 3.08
N LEU B 92 4.76 -10.35 4.10
CA LEU B 92 5.62 -10.64 5.23
C LEU B 92 4.77 -10.63 6.50
N ARG B 93 5.23 -11.38 7.49
CA ARG B 93 4.57 -11.42 8.79
C ARG B 93 5.61 -11.19 9.88
N ARG B 94 5.16 -10.59 10.98
CA ARG B 94 6.04 -10.41 12.13
C ARG B 94 6.07 -11.72 12.92
N VAL B 95 7.28 -12.24 13.15
CA VAL B 95 7.44 -13.49 13.86
C VAL B 95 8.03 -13.32 15.26
N VAL B 96 8.60 -12.17 15.60
CA VAL B 96 9.03 -11.87 16.96
C VAL B 96 8.22 -10.67 17.45
N ALA B 97 7.45 -10.87 18.52
CA ALA B 97 6.62 -9.80 19.04
C ALA B 97 7.49 -8.66 19.54
N GLY B 98 7.15 -7.44 19.12
CA GLY B 98 7.78 -6.25 19.64
C GLY B 98 9.05 -5.83 18.93
N GLU B 99 9.41 -6.49 17.83
CA GLU B 99 10.69 -6.23 17.19
C GLU B 99 10.51 -6.15 15.68
N GLY B 100 11.54 -5.63 15.01
CA GLY B 100 11.55 -5.51 13.58
C GLY B 100 11.05 -4.19 13.02
N SER B 101 11.84 -3.58 12.14
CA SER B 101 11.40 -2.42 11.38
C SER B 101 12.28 -2.31 10.16
N GLY B 102 11.81 -1.54 9.18
CA GLY B 102 12.59 -1.26 8.00
C GLY B 102 11.79 -1.44 6.74
N SER B 103 12.41 -1.98 5.69
CA SER B 103 11.75 -2.22 4.42
C SER B 103 12.38 -3.42 3.74
N VAL B 104 11.57 -4.05 2.88
CA VAL B 104 11.98 -5.20 2.11
C VAL B 104 11.52 -4.97 0.67
N SER B 105 12.41 -5.27 -0.29
CA SER B 105 12.11 -5.07 -1.70
C SER B 105 12.34 -6.34 -2.51
N LEU B 106 11.59 -6.47 -3.60
CA LEU B 106 11.74 -7.53 -4.58
C LEU B 106 12.06 -6.92 -5.94
N ALA B 107 13.02 -7.52 -6.65
CA ALA B 107 13.37 -7.07 -7.98
C ALA B 107 13.35 -8.25 -8.94
N LEU B 108 12.62 -8.13 -10.04
CA LEU B 108 12.63 -9.12 -11.09
C LEU B 108 13.78 -8.82 -12.05
N HIS B 109 14.68 -9.79 -12.22
CA HIS B 109 15.82 -9.68 -13.12
C HIS B 109 15.60 -10.53 -14.36
N LEU B 110 15.73 -9.93 -15.53
CA LEU B 110 15.67 -10.65 -16.79
C LEU B 110 17.07 -10.89 -17.31
N GLN B 111 17.31 -12.10 -17.83
CA GLN B 111 18.59 -12.44 -18.43
C GLN B 111 18.33 -13.33 -19.65
N PRO B 112 19.01 -13.06 -20.77
CA PRO B 112 19.94 -11.94 -20.92
C PRO B 112 19.26 -10.66 -21.39
N LEU B 113 19.67 -9.54 -20.82
CA LEU B 113 19.23 -8.23 -21.27
C LEU B 113 20.13 -7.18 -20.63
N ARG B 114 20.34 -6.07 -21.35
CA ARG B 114 21.11 -4.96 -20.81
C ARG B 114 20.54 -4.53 -19.46
N SER B 115 21.42 -4.02 -18.59
CA SER B 115 21.04 -3.72 -17.21
C SER B 115 19.91 -2.67 -17.14
N ALA B 116 19.88 -1.72 -18.08
CA ALA B 116 18.86 -0.68 -18.04
C ALA B 116 17.45 -1.25 -18.15
N ALA B 117 17.24 -2.20 -19.06
CA ALA B 117 15.90 -2.74 -19.31
C ALA B 117 15.56 -3.97 -18.46
N GLY B 118 16.56 -4.72 -18.00
CA GLY B 118 16.29 -6.00 -17.35
C GLY B 118 16.64 -6.12 -15.88
N ALA B 119 17.34 -5.14 -15.31
CA ALA B 119 17.72 -5.21 -13.90
C ALA B 119 16.50 -5.11 -12.99
N ALA B 120 15.65 -4.13 -13.24
CA ALA B 120 14.44 -3.93 -12.44
C ALA B 120 13.23 -3.85 -13.37
N ALA B 121 13.01 -4.91 -14.14
CA ALA B 121 11.84 -4.95 -14.99
C ALA B 121 10.56 -4.94 -14.15
N LEU B 122 10.64 -5.48 -12.95
CA LEU B 122 9.58 -5.44 -11.96
C LEU B 122 10.26 -5.19 -10.62
N ALA B 123 9.80 -4.17 -9.89
CA ALA B 123 10.41 -3.84 -8.62
C ALA B 123 9.32 -3.39 -7.67
N LEU B 124 9.44 -3.80 -6.40
CA LEU B 124 8.42 -3.46 -5.42
C LEU B 124 9.04 -3.42 -4.03
N THR B 125 8.75 -2.36 -3.28
CA THR B 125 9.21 -2.25 -1.89
C THR B 125 7.99 -2.24 -0.97
N VAL B 126 8.09 -2.96 0.15
CA VAL B 126 7.09 -2.92 1.21
C VAL B 126 7.78 -2.50 2.51
N ASP B 127 7.06 -1.76 3.34
CA ASP B 127 7.61 -1.30 4.61
C ASP B 127 7.15 -2.18 5.76
N LEU B 128 8.09 -2.50 6.65
CA LEU B 128 7.78 -3.18 7.88
C LEU B 128 7.43 -2.13 8.91
N PRO B 129 6.18 -2.02 9.34
CA PRO B 129 5.85 -1.09 10.41
C PRO B 129 6.54 -1.49 11.69
N PRO B 130 7.10 -0.52 12.43
CA PRO B 130 7.68 -0.85 13.74
C PRO B 130 6.62 -1.46 14.65
N ALA B 131 7.07 -2.28 15.58
CA ALA B 131 6.15 -2.83 16.57
C ALA B 131 5.54 -1.71 17.38
N SER B 132 4.21 -1.72 17.49
CA SER B 132 3.50 -0.63 18.15
C SER B 132 2.20 -1.16 18.72
N SER B 133 1.53 -0.30 19.49
CA SER B 133 0.23 -0.64 20.07
C SER B 133 -0.79 -0.97 18.99
N GLU B 134 -0.65 -0.36 17.81
CA GLU B 134 -1.50 -0.74 16.67
C GLU B 134 -1.35 -2.22 16.35
N ALA B 135 -0.17 -2.78 16.59
CA ALA B 135 0.12 -4.21 16.37
C ALA B 135 -0.23 -4.62 14.94
N ARG B 136 0.35 -3.90 13.98
CA ARG B 136 0.28 -4.27 12.57
C ARG B 136 1.38 -5.28 12.30
N ASN B 137 1.00 -6.54 12.06
CA ASN B 137 1.95 -7.65 12.05
C ASN B 137 2.13 -8.29 10.67
N SER B 138 1.68 -7.63 9.61
CA SER B 138 1.92 -8.13 8.27
C SER B 138 2.03 -6.95 7.30
N ALA B 139 2.77 -7.18 6.22
CA ALA B 139 2.94 -6.19 5.16
C ALA B 139 2.77 -6.88 3.81
N PHE B 140 2.28 -6.12 2.82
CA PHE B 140 1.95 -6.72 1.54
C PHE B 140 2.19 -5.74 0.41
N GLY B 141 2.65 -6.26 -0.74
CA GLY B 141 2.75 -5.47 -1.96
C GLY B 141 2.49 -6.35 -3.16
N PHE B 142 2.05 -5.72 -4.25
CA PHE B 142 1.77 -6.39 -5.51
C PHE B 142 2.14 -5.47 -6.66
N GLN B 143 2.82 -6.01 -7.68
CA GLN B 143 3.04 -5.28 -8.92
C GLN B 143 2.88 -6.18 -10.14
N GLY B 144 2.35 -5.61 -11.23
CA GLY B 144 2.31 -6.30 -12.50
C GLY B 144 2.51 -5.31 -13.62
N ARG B 145 2.98 -5.83 -14.76
CA ARG B 145 3.04 -5.05 -16.00
C ARG B 145 3.25 -6.00 -17.17
N LEU B 146 3.16 -5.44 -18.37
CA LEU B 146 3.46 -6.18 -19.59
C LEU B 146 4.95 -6.11 -19.92
N LEU B 147 5.57 -7.27 -20.10
CA LEU B 147 6.96 -7.34 -20.54
C LEU B 147 7.06 -8.16 -21.82
N HIS B 148 7.88 -7.69 -22.75
CA HIS B 148 8.25 -8.49 -23.90
C HIS B 148 9.40 -9.40 -23.50
N LEU B 149 9.14 -10.71 -23.50
CA LEU B 149 10.13 -11.72 -23.13
C LEU B 149 10.60 -12.44 -24.38
N SER B 150 11.91 -12.52 -24.58
CA SER B 150 12.45 -13.21 -25.74
C SER B 150 12.56 -14.71 -25.46
N ALA B 151 12.66 -15.49 -26.53
CA ALA B 151 12.80 -16.94 -26.39
C ALA B 151 14.08 -17.27 -25.64
N GLY B 152 13.98 -18.16 -24.65
CA GLY B 152 15.11 -18.49 -23.80
C GLY B 152 15.37 -17.53 -22.65
N GLN B 153 14.58 -16.48 -22.49
CA GLN B 153 14.82 -15.52 -21.43
C GLN B 153 14.55 -16.13 -20.06
N ARG B 154 15.34 -15.72 -19.07
CA ARG B 154 15.31 -16.32 -17.74
C ARG B 154 14.94 -15.26 -16.70
N LEU B 155 13.94 -15.58 -15.89
CA LEU B 155 13.39 -14.66 -14.91
C LEU B 155 13.89 -15.06 -13.53
N GLY B 156 14.53 -14.12 -12.84
CA GLY B 156 14.97 -14.35 -11.48
C GLY B 156 14.50 -13.22 -10.59
N VAL B 157 14.27 -13.55 -9.33
CA VAL B 157 13.77 -12.58 -8.35
C VAL B 157 14.80 -12.45 -7.23
N HIS B 158 15.26 -11.22 -7.00
N HIS B 158 15.25 -11.22 -7.00
CA HIS B 158 16.21 -10.94 -5.93
CA HIS B 158 16.21 -10.90 -5.94
C HIS B 158 15.49 -10.26 -4.77
C HIS B 158 15.47 -10.26 -4.77
N LEU B 159 15.78 -10.73 -3.56
CA LEU B 159 15.21 -10.16 -2.35
C LEU B 159 16.28 -9.27 -1.70
N HIS B 160 15.86 -8.09 -1.26
CA HIS B 160 16.76 -7.18 -0.58
C HIS B 160 16.06 -6.58 0.64
N THR B 161 16.79 -6.53 1.75
CA THR B 161 16.26 -6.02 3.01
C THR B 161 17.10 -4.86 3.50
N GLU B 162 16.45 -3.77 3.86
CA GLU B 162 17.04 -2.68 4.64
C GLU B 162 16.21 -2.58 5.92
N ALA B 163 16.49 -3.47 6.87
CA ALA B 163 15.68 -3.60 8.07
C ALA B 163 16.57 -3.78 9.29
N ARG B 164 15.99 -3.45 10.45
CA ARG B 164 16.60 -3.72 11.75
C ARG B 164 15.87 -4.87 12.42
N ALA B 165 16.63 -5.74 13.08
CA ALA B 165 16.11 -6.97 13.67
C ALA B 165 15.32 -7.78 12.63
N ARG B 166 16.05 -8.17 11.58
CA ARG B 166 15.46 -8.93 10.48
C ARG B 166 14.86 -10.24 10.96
N HIS B 167 15.41 -10.81 12.03
CA HIS B 167 14.87 -12.06 12.57
C HIS B 167 13.39 -11.95 12.93
N ALA B 168 12.92 -10.73 13.18
CA ALA B 168 11.56 -10.50 13.65
C ALA B 168 10.52 -10.52 12.54
N TRP B 169 10.93 -10.54 11.27
CA TRP B 169 9.99 -10.64 10.16
C TRP B 169 10.39 -11.79 9.26
N GLN B 170 9.38 -12.42 8.65
CA GLN B 170 9.60 -13.52 7.72
C GLN B 170 8.63 -13.38 6.56
N LEU B 171 8.96 -14.04 5.44
CA LEU B 171 8.00 -14.16 4.34
C LEU B 171 6.88 -15.10 4.75
N THR B 172 5.65 -14.68 4.50
CA THR B 172 4.52 -15.56 4.75
C THR B 172 4.57 -16.70 3.73
N GLN B 173 4.57 -17.93 4.22
CA GLN B 173 4.74 -19.07 3.33
C GLN B 173 3.51 -19.23 2.45
N GLY B 174 3.76 -19.38 1.14
CA GLY B 174 2.69 -19.48 0.16
C GLY B 174 2.21 -18.17 -0.38
N ALA B 175 2.68 -17.04 0.14
CA ALA B 175 2.18 -15.75 -0.27
C ALA B 175 3.21 -14.92 -1.02
N THR B 176 4.39 -15.48 -1.27
CA THR B 176 5.36 -14.85 -2.16
C THR B 176 5.28 -15.59 -3.48
N VAL B 177 4.79 -14.92 -4.51
CA VAL B 177 4.32 -15.55 -5.72
C VAL B 177 4.87 -14.77 -6.92
N LEU B 178 5.35 -15.50 -7.93
CA LEU B 178 5.70 -14.93 -9.23
C LEU B 178 4.83 -15.60 -10.27
N GLY B 179 4.10 -14.80 -11.05
CA GLY B 179 3.21 -15.35 -12.06
C GLY B 179 3.32 -14.60 -13.37
N LEU B 180 2.90 -15.27 -14.44
CA LEU B 180 2.85 -14.64 -15.76
C LEU B 180 2.04 -15.52 -16.70
N PHE B 181 1.38 -14.87 -17.65
CA PHE B 181 0.70 -15.56 -18.73
C PHE B 181 0.87 -14.72 -19.99
N ARG B 182 0.96 -15.40 -21.12
CA ARG B 182 1.18 -14.73 -22.39
C ARG B 182 -0.11 -14.09 -22.87
N VAL B 183 -0.03 -12.81 -23.25
CA VAL B 183 -1.17 -12.17 -23.89
C VAL B 183 -1.09 -12.36 -25.41
N THR B 184 0.12 -12.46 -25.95
CA THR B 184 0.38 -13.13 -27.24
C THR B 184 1.87 -13.14 -27.58
N GLN C 32 -0.88 -10.77 -33.62
CA GLN C 32 -0.61 -9.87 -32.50
C GLN C 32 -1.90 -9.35 -31.87
N GLY C 33 -2.26 -9.92 -30.72
CA GLY C 33 -3.47 -9.52 -30.02
C GLY C 33 -3.45 -8.06 -29.63
N MET C 34 -4.58 -7.62 -29.09
CA MET C 34 -4.77 -6.20 -28.78
C MET C 34 -4.28 -5.92 -27.37
N PHE C 35 -3.21 -5.15 -27.26
CA PHE C 35 -2.70 -4.76 -25.95
C PHE C 35 -1.86 -3.51 -26.13
N ALA C 36 -1.66 -2.81 -25.01
CA ALA C 36 -0.89 -1.58 -25.04
C ALA C 36 -0.32 -1.31 -23.66
N GLN C 37 0.81 -0.61 -23.62
CA GLN C 37 1.38 -0.12 -22.38
C GLN C 37 2.05 1.21 -22.66
N LEU C 38 1.65 2.24 -21.92
CA LEU C 38 2.23 3.57 -22.06
C LEU C 38 2.97 3.97 -20.80
N VAL C 39 4.11 4.63 -20.97
CA VAL C 39 4.91 5.17 -19.88
C VAL C 39 4.68 6.68 -19.82
N ALA C 40 4.40 7.19 -18.62
CA ALA C 40 4.09 8.61 -18.48
C ALA C 40 5.34 9.45 -18.75
N GLN C 41 5.13 10.61 -19.37
CA GLN C 41 6.23 11.54 -19.60
C GLN C 41 6.45 12.45 -18.39
N ASN C 42 5.39 12.74 -17.64
CA ASN C 42 5.45 13.76 -16.61
C ASN C 42 6.39 13.34 -15.48
N VAL C 43 7.13 14.31 -14.94
CA VAL C 43 7.91 14.13 -13.73
C VAL C 43 7.37 14.98 -12.60
N LEU C 44 6.93 16.21 -12.89
CA LEU C 44 6.52 17.15 -11.88
C LEU C 44 5.06 16.96 -11.52
N LEU C 45 4.76 17.08 -10.23
CA LEU C 45 3.41 16.87 -9.70
C LEU C 45 2.57 18.12 -9.96
N ILE C 46 1.88 18.16 -11.10
CA ILE C 46 0.91 19.21 -11.36
C ILE C 46 -0.41 18.56 -11.71
N ASP C 47 -1.50 19.16 -11.24
CA ASP C 47 -2.82 18.63 -11.52
C ASP C 47 -3.13 18.76 -13.01
N GLY C 48 -3.66 17.69 -13.60
CA GLY C 48 -4.06 17.72 -14.99
C GLY C 48 -3.77 16.44 -15.72
N PRO C 49 -4.01 16.43 -17.03
CA PRO C 49 -3.84 15.19 -17.80
C PRO C 49 -2.38 14.79 -17.93
N LEU C 50 -2.10 13.52 -17.71
CA LEU C 50 -0.76 13.00 -17.94
C LEU C 50 -0.47 12.88 -19.43
N SER C 51 0.79 13.18 -19.79
CA SER C 51 1.30 12.94 -21.13
C SER C 51 2.02 11.60 -21.14
N TRP C 52 1.91 10.87 -22.24
CA TRP C 52 2.41 9.51 -22.32
C TRP C 52 3.40 9.36 -23.47
N TYR C 53 4.41 8.53 -23.25
CA TYR C 53 5.25 8.04 -24.34
C TYR C 53 4.49 6.94 -25.07
N SER C 54 4.42 7.03 -26.40
CA SER C 54 3.65 6.05 -27.17
C SER C 54 4.46 5.33 -28.24
N ASP C 55 5.67 5.76 -28.54
CA ASP C 55 6.46 5.08 -29.57
C ASP C 55 6.92 3.72 -29.05
N PRO C 56 6.55 2.61 -29.71
CA PRO C 56 6.92 1.28 -29.18
C PRO C 56 8.41 1.00 -29.19
N GLY C 57 9.21 1.80 -29.90
CA GLY C 57 10.65 1.67 -29.85
C GLY C 57 11.27 2.00 -28.50
N LEU C 58 10.49 2.56 -27.57
CA LEU C 58 10.96 2.88 -26.21
C LEU C 58 10.72 1.72 -25.26
N ALA C 59 11.76 1.34 -24.51
CA ALA C 59 11.64 0.29 -23.49
C ALA C 59 10.44 0.53 -22.58
N GLY C 60 9.65 -0.51 -22.37
CA GLY C 60 8.47 -0.43 -21.52
C GLY C 60 7.21 0.04 -22.21
N VAL C 61 7.31 0.51 -23.46
CA VAL C 61 6.16 1.00 -24.21
C VAL C 61 5.85 0.01 -25.32
N SER C 62 4.60 -0.43 -25.40
CA SER C 62 4.17 -1.29 -26.49
C SER C 62 2.82 -0.79 -27.01
N LEU C 63 2.68 -0.76 -28.33
CA LEU C 63 1.45 -0.28 -28.97
C LEU C 63 1.26 -1.09 -30.25
N THR C 64 0.58 -2.22 -30.12
CA THR C 64 0.41 -3.17 -31.22
C THR C 64 -1.05 -3.23 -31.66
N GLY C 65 -1.26 -3.91 -32.79
CA GLY C 65 -2.57 -3.93 -33.41
C GLY C 65 -2.85 -2.63 -34.14
N GLY C 66 -4.08 -2.14 -34.05
CA GLY C 66 -4.42 -0.84 -34.59
C GLY C 66 -4.41 0.26 -33.58
N LEU C 67 -4.02 -0.03 -32.33
CA LEU C 67 -4.01 0.96 -31.26
C LEU C 67 -3.08 2.12 -31.60
N SER C 68 -3.46 3.31 -31.16
CA SER C 68 -2.63 4.49 -31.35
C SER C 68 -2.88 5.47 -30.21
N TYR C 69 -2.18 6.60 -30.27
CA TYR C 69 -2.20 7.58 -29.19
C TYR C 69 -2.38 8.96 -29.79
N LYS C 70 -3.35 9.72 -29.28
CA LYS C 70 -3.60 11.08 -29.75
C LYS C 70 -2.81 12.04 -28.88
N GLU C 71 -1.71 12.58 -29.43
CA GLU C 71 -0.80 13.39 -28.62
C GLU C 71 -1.43 14.70 -28.18
N ASP C 72 -2.34 15.26 -28.98
CA ASP C 72 -2.95 16.53 -28.65
C ASP C 72 -3.83 16.41 -27.40
N THR C 73 -4.69 15.39 -27.36
CA THR C 73 -5.59 15.17 -26.24
C THR C 73 -5.05 14.19 -25.21
N LYS C 74 -3.86 13.62 -25.45
CA LYS C 74 -3.23 12.71 -24.49
C LYS C 74 -4.12 11.52 -24.17
N GLU C 75 -4.72 10.94 -25.20
CA GLU C 75 -5.65 9.83 -25.04
C GLU C 75 -5.19 8.63 -25.86
N LEU C 76 -5.33 7.44 -25.28
CA LEU C 76 -5.13 6.20 -26.00
C LEU C 76 -6.45 5.78 -26.64
N VAL C 77 -6.41 5.48 -27.95
CA VAL C 77 -7.62 5.14 -28.71
C VAL C 77 -7.62 3.63 -29.00
N VAL C 78 -8.73 2.99 -28.66
CA VAL C 78 -8.84 1.53 -28.73
C VAL C 78 -9.03 1.09 -30.17
N ALA C 79 -8.39 -0.03 -30.52
CA ALA C 79 -8.37 -0.60 -31.87
C ALA C 79 -9.55 -1.53 -32.13
N LYS C 80 -9.76 -2.51 -31.24
CA LYS C 80 -10.83 -3.48 -31.40
C LYS C 80 -11.66 -3.55 -30.13
N ALA C 81 -12.95 -3.82 -30.30
CA ALA C 81 -13.87 -3.90 -29.16
C ALA C 81 -13.65 -5.19 -28.37
N GLY C 82 -13.96 -5.12 -27.09
CA GLY C 82 -13.88 -6.29 -26.22
C GLY C 82 -13.77 -5.84 -24.77
N VAL C 83 -13.59 -6.83 -23.91
CA VAL C 83 -13.35 -6.57 -22.49
C VAL C 83 -11.84 -6.62 -22.26
N TYR C 84 -11.31 -5.58 -21.64
CA TYR C 84 -9.88 -5.50 -21.37
C TYR C 84 -9.63 -5.52 -19.88
N TYR C 85 -8.51 -6.14 -19.50
CA TYR C 85 -7.94 -5.95 -18.18
C TYR C 85 -7.07 -4.69 -18.24
N VAL C 86 -7.54 -3.62 -17.61
CA VAL C 86 -6.85 -2.33 -17.64
C VAL C 86 -6.23 -2.10 -16.27
N PHE C 87 -4.99 -1.64 -16.26
CA PHE C 87 -4.26 -1.42 -15.01
C PHE C 87 -3.39 -0.18 -15.15
N PHE C 88 -3.19 0.53 -14.06
CA PHE C 88 -2.11 1.50 -14.07
C PHE C 88 -1.32 1.42 -12.78
N GLN C 89 -0.10 1.92 -12.86
CA GLN C 89 0.91 1.84 -11.83
C GLN C 89 1.38 3.26 -11.54
N LEU C 90 1.59 3.56 -10.25
CA LEU C 90 1.98 4.90 -9.82
C LEU C 90 3.16 4.77 -8.85
N GLU C 91 4.31 5.28 -9.25
CA GLU C 91 5.50 5.25 -8.41
C GLU C 91 6.09 6.65 -8.33
N LEU C 92 6.42 7.09 -7.12
CA LEU C 92 7.01 8.39 -6.89
C LEU C 92 8.29 8.24 -6.09
N ARG C 93 9.20 9.20 -6.25
CA ARG C 93 10.45 9.24 -5.51
C ARG C 93 10.59 10.61 -4.88
N ARG C 94 11.14 10.65 -3.67
CA ARG C 94 11.44 11.93 -3.03
C ARG C 94 12.70 12.49 -3.67
N VAL C 95 12.58 13.67 -4.27
CA VAL C 95 13.72 14.29 -4.93
C VAL C 95 14.41 15.36 -4.09
N VAL C 96 13.80 15.82 -3.00
CA VAL C 96 14.43 16.75 -2.07
C VAL C 96 14.43 16.11 -0.69
N ALA C 97 15.62 15.86 -0.16
CA ALA C 97 15.74 15.16 1.11
C ALA C 97 15.07 15.94 2.23
N GLY C 98 14.30 15.24 3.06
CA GLY C 98 13.73 15.84 4.24
C GLY C 98 12.49 16.68 4.02
N GLU C 99 11.90 16.65 2.83
CA GLU C 99 10.78 17.52 2.53
C GLU C 99 9.68 16.74 1.83
N GLY C 100 8.48 17.29 1.87
CA GLY C 100 7.39 16.78 1.07
C GLY C 100 6.56 15.71 1.75
N SER C 101 5.25 15.88 1.68
CA SER C 101 4.30 14.91 2.22
C SER C 101 2.94 15.18 1.61
N GLY C 102 2.06 14.19 1.70
CA GLY C 102 0.71 14.33 1.20
C GLY C 102 0.28 13.09 0.44
N SER C 103 -0.44 13.27 -0.67
CA SER C 103 -0.86 12.14 -1.48
C SER C 103 -1.06 12.59 -2.93
N VAL C 104 -1.00 11.62 -3.83
CA VAL C 104 -1.14 11.84 -5.26
C VAL C 104 -2.13 10.82 -5.81
N SER C 105 -2.94 11.23 -6.79
CA SER C 105 -3.99 10.36 -7.34
C SER C 105 -3.98 10.35 -8.86
N LEU C 106 -4.21 9.16 -9.43
CA LEU C 106 -4.49 8.99 -10.85
C LEU C 106 -5.93 8.56 -11.06
N ALA C 107 -6.57 9.08 -12.11
CA ALA C 107 -7.92 8.68 -12.49
C ALA C 107 -7.97 8.40 -13.98
N LEU C 108 -8.49 7.23 -14.34
CA LEU C 108 -8.69 6.87 -15.74
C LEU C 108 -10.05 7.39 -16.19
N HIS C 109 -10.05 8.14 -17.29
CA HIS C 109 -11.27 8.73 -17.84
C HIS C 109 -11.51 8.19 -19.25
N LEU C 110 -12.74 7.75 -19.49
CA LEU C 110 -13.14 7.21 -20.78
C LEU C 110 -13.85 8.27 -21.59
N GLN C 111 -13.64 8.24 -22.91
CA GLN C 111 -14.33 9.14 -23.82
C GLN C 111 -14.78 8.34 -25.05
N PRO C 112 -16.10 8.30 -25.33
CA PRO C 112 -17.18 8.90 -24.55
C PRO C 112 -17.44 8.18 -23.22
N LEU C 113 -18.25 8.81 -22.37
CA LEU C 113 -18.46 8.35 -21.00
C LEU C 113 -19.06 6.94 -20.94
N ALA C 116 -21.86 5.68 -19.17
CA ALA C 116 -22.87 6.17 -18.24
C ALA C 116 -22.59 7.62 -17.85
N ALA C 117 -23.19 8.09 -16.76
CA ALA C 117 -23.00 9.45 -16.28
C ALA C 117 -22.14 9.57 -15.03
N GLY C 118 -22.01 8.51 -14.24
CA GLY C 118 -21.34 8.57 -12.96
C GLY C 118 -19.98 7.89 -12.96
N ALA C 119 -19.09 8.40 -12.09
CA ALA C 119 -17.88 7.74 -11.61
C ALA C 119 -16.69 7.82 -12.57
N ALA C 120 -15.56 7.29 -12.12
CA ALA C 120 -14.35 7.13 -12.92
C ALA C 120 -14.02 5.64 -13.01
N ALA C 121 -13.41 5.25 -14.13
CA ALA C 121 -13.24 3.83 -14.41
C ALA C 121 -12.20 3.22 -13.49
N LEU C 122 -11.13 3.96 -13.20
CA LEU C 122 -10.02 3.46 -12.37
C LEU C 122 -9.50 4.64 -11.56
N ALA C 123 -9.38 4.44 -10.24
CA ALA C 123 -8.88 5.46 -9.35
C ALA C 123 -7.86 4.85 -8.40
N LEU C 124 -6.70 5.48 -8.30
CA LEU C 124 -5.62 5.00 -7.45
C LEU C 124 -4.99 6.19 -6.73
N THR C 125 -4.91 6.10 -5.40
CA THR C 125 -4.33 7.14 -4.56
C THR C 125 -3.13 6.57 -3.82
N VAL C 126 -2.00 7.26 -3.93
CA VAL C 126 -0.76 6.86 -3.27
C VAL C 126 -0.40 7.93 -2.26
N ASP C 127 -0.20 7.53 -1.01
CA ASP C 127 0.21 8.45 0.03
C ASP C 127 1.73 8.61 0.02
N LEU C 128 2.19 9.85 0.15
CA LEU C 128 3.62 10.14 0.24
C LEU C 128 3.99 10.28 1.70
N PRO C 129 4.87 9.43 2.23
CA PRO C 129 5.19 9.49 3.66
C PRO C 129 6.00 10.73 3.98
N PRO C 130 5.72 11.39 5.10
CA PRO C 130 6.56 12.52 5.50
C PRO C 130 7.99 12.07 5.71
N ALA C 131 8.92 13.00 5.53
CA ALA C 131 10.33 12.68 5.68
C ALA C 131 10.66 12.36 7.12
N SER C 132 11.31 11.22 7.34
CA SER C 132 11.85 10.88 8.66
C SER C 132 12.98 9.88 8.46
N SER C 133 13.70 9.62 9.56
CA SER C 133 14.85 8.71 9.50
C SER C 133 14.42 7.31 9.07
N GLU C 134 13.23 6.88 9.48
CA GLU C 134 12.73 5.57 9.07
C GLU C 134 12.02 5.62 7.73
N ALA C 135 11.41 6.76 7.41
CA ALA C 135 10.61 6.88 6.19
C ALA C 135 11.46 6.67 4.95
N ARG C 136 10.98 5.84 4.02
CA ARG C 136 11.72 5.75 2.78
C ARG C 136 11.32 6.87 1.85
N ASN C 137 12.01 6.95 0.71
CA ASN C 137 11.84 8.04 -0.24
C ASN C 137 11.23 7.57 -1.56
N SER C 138 10.34 6.59 -1.48
CA SER C 138 9.58 6.18 -2.64
C SER C 138 8.21 5.71 -2.18
N ALA C 139 7.25 5.75 -3.10
CA ALA C 139 5.90 5.34 -2.83
C ALA C 139 5.34 4.66 -4.06
N PHE C 140 4.44 3.71 -3.86
CA PHE C 140 3.97 2.89 -4.96
C PHE C 140 2.52 2.50 -4.74
N GLY C 141 1.78 2.41 -5.85
CA GLY C 141 0.41 1.90 -5.86
C GLY C 141 0.09 1.24 -7.20
N PHE C 142 -0.69 0.15 -7.16
CA PHE C 142 -1.12 -0.56 -8.35
C PHE C 142 -2.60 -0.87 -8.25
N GLN C 143 -3.32 -0.74 -9.37
CA GLN C 143 -4.73 -1.10 -9.44
C GLN C 143 -5.07 -1.64 -10.83
N GLY C 144 -5.91 -2.65 -10.88
CA GLY C 144 -6.33 -3.23 -12.15
C GLY C 144 -7.81 -3.55 -12.14
N ARG C 145 -8.41 -3.52 -13.34
CA ARG C 145 -9.85 -3.67 -13.50
C ARG C 145 -10.15 -4.28 -14.86
N LEU C 146 -11.30 -4.97 -14.96
CA LEU C 146 -11.88 -5.35 -16.23
C LEU C 146 -12.76 -4.21 -16.74
N LEU C 147 -12.55 -3.81 -18.00
CA LEU C 147 -13.30 -2.71 -18.60
C LEU C 147 -13.83 -3.09 -19.96
N HIS C 148 -15.08 -2.69 -20.23
CA HIS C 148 -15.67 -2.81 -21.55
C HIS C 148 -15.19 -1.64 -22.41
N LEU C 149 -14.49 -1.94 -23.50
CA LEU C 149 -14.02 -0.92 -24.43
C LEU C 149 -14.44 -1.27 -25.84
N SER C 150 -14.94 -0.30 -26.58
CA SER C 150 -15.27 -0.47 -27.98
C SER C 150 -14.23 0.22 -28.84
N ALA C 151 -14.18 -0.17 -30.11
CA ALA C 151 -13.21 0.40 -31.04
C ALA C 151 -13.50 1.89 -31.25
N GLY C 152 -12.45 2.69 -31.19
CA GLY C 152 -12.59 4.14 -31.24
C GLY C 152 -12.74 4.82 -29.90
N GLN C 153 -12.76 4.08 -28.80
CA GLN C 153 -12.86 4.70 -27.48
C GLN C 153 -11.53 5.30 -27.07
N ARG C 154 -11.60 6.42 -26.36
CA ARG C 154 -10.42 7.14 -25.92
C ARG C 154 -10.27 7.03 -24.41
N LEU C 155 -9.04 6.80 -23.98
CA LEU C 155 -8.69 6.65 -22.58
C LEU C 155 -7.68 7.73 -22.21
N GLY C 156 -8.03 8.56 -21.23
CA GLY C 156 -7.11 9.54 -20.69
C GLY C 156 -6.92 9.35 -19.20
N VAL C 157 -5.80 9.83 -18.65
CA VAL C 157 -5.53 9.71 -17.22
C VAL C 157 -5.21 11.09 -16.67
N HIS C 158 -5.82 11.43 -15.54
N HIS C 158 -5.81 11.43 -15.53
CA HIS C 158 -5.68 12.72 -14.90
CA HIS C 158 -5.65 12.76 -14.96
C HIS C 158 -4.88 12.58 -13.61
C HIS C 158 -4.94 12.64 -13.61
N LEU C 159 -3.93 13.49 -13.41
CA LEU C 159 -3.12 13.51 -12.19
C LEU C 159 -3.68 14.53 -11.22
N HIS C 160 -3.84 14.13 -9.96
CA HIS C 160 -4.29 15.03 -8.92
C HIS C 160 -3.36 14.92 -7.71
N THR C 161 -3.09 16.06 -7.06
CA THR C 161 -2.11 16.12 -5.99
C THR C 161 -2.67 16.91 -4.81
N GLU C 162 -2.58 16.32 -3.62
CA GLU C 162 -2.88 16.99 -2.36
C GLU C 162 -1.64 16.84 -1.50
N ALA C 163 -0.64 17.68 -1.76
CA ALA C 163 0.67 17.51 -1.17
C ALA C 163 1.22 18.84 -0.70
N ARG C 164 1.97 18.78 0.39
CA ARG C 164 2.76 19.91 0.88
C ARG C 164 4.19 19.75 0.39
N ALA C 165 4.79 20.86 -0.02
CA ALA C 165 6.11 20.87 -0.65
C ALA C 165 6.17 19.88 -1.82
N ARG C 166 5.28 20.12 -2.80
CA ARG C 166 5.18 19.25 -3.98
C ARG C 166 6.50 19.10 -4.71
N HIS C 167 7.35 20.13 -4.67
CA HIS C 167 8.65 20.07 -5.34
C HIS C 167 9.52 18.94 -4.83
N ALA C 168 9.25 18.42 -3.64
CA ALA C 168 10.08 17.39 -3.03
C ALA C 168 9.77 15.99 -3.52
N TRP C 169 8.72 15.81 -4.33
CA TRP C 169 8.38 14.51 -4.89
C TRP C 169 8.16 14.63 -6.39
N GLN C 170 8.50 13.58 -7.12
CA GLN C 170 8.32 13.52 -8.56
C GLN C 170 7.86 12.13 -8.97
N LEU C 171 7.24 12.05 -10.14
CA LEU C 171 6.91 10.75 -10.71
C LEU C 171 8.20 10.01 -11.07
N THR C 172 8.34 8.79 -10.58
CA THR C 172 9.49 7.98 -10.92
C THR C 172 9.47 7.66 -12.41
N GLN C 173 10.50 8.09 -13.13
CA GLN C 173 10.52 7.96 -14.59
C GLN C 173 10.53 6.49 -15.01
N GLY C 174 9.55 6.10 -15.83
CA GLY C 174 9.45 4.72 -16.28
C GLY C 174 8.60 3.82 -15.42
N ALA C 175 8.11 4.31 -14.29
CA ALA C 175 7.35 3.48 -13.36
C ALA C 175 5.94 3.99 -13.14
N THR C 176 5.51 5.01 -13.86
CA THR C 176 4.11 5.38 -13.95
C THR C 176 3.62 4.90 -15.30
N VAL C 177 2.73 3.92 -15.28
CA VAL C 177 2.45 3.08 -16.45
C VAL C 177 0.94 2.90 -16.56
N LEU C 178 0.43 2.96 -17.79
CA LEU C 178 -0.94 2.56 -18.10
C LEU C 178 -0.89 1.38 -19.07
N GLY C 179 -1.53 0.27 -18.70
CA GLY C 179 -1.52 -0.91 -19.52
C GLY C 179 -2.90 -1.52 -19.67
N LEU C 180 -3.05 -2.32 -20.73
CA LEU C 180 -4.31 -3.00 -20.97
C LEU C 180 -4.09 -4.07 -22.02
N PHE C 181 -4.76 -5.20 -21.83
CA PHE C 181 -4.82 -6.24 -22.85
C PHE C 181 -6.24 -6.78 -22.90
N ARG C 182 -6.66 -7.22 -24.08
CA ARG C 182 -7.99 -7.76 -24.28
C ARG C 182 -8.05 -9.20 -23.78
N VAL C 183 -9.08 -9.50 -22.99
CA VAL C 183 -9.27 -10.85 -22.47
C VAL C 183 -10.26 -11.68 -23.28
N THR C 184 -11.12 -11.04 -24.08
CA THR C 184 -11.99 -11.81 -24.96
C THR C 184 -11.20 -12.19 -26.21
N PRO C 185 -10.75 -13.45 -26.34
CA PRO C 185 -9.84 -13.81 -27.43
C PRO C 185 -10.59 -14.12 -28.72
N GLN D 1 -33.45 7.89 -35.27
CA GLN D 1 -33.79 6.48 -35.10
C GLN D 1 -32.57 5.62 -34.79
N ASP D 2 -31.50 6.26 -34.33
CA ASP D 2 -30.42 5.52 -33.72
C ASP D 2 -31.01 4.74 -32.55
N PRO D 3 -30.89 3.41 -32.53
CA PRO D 3 -31.65 2.61 -31.52
C PRO D 3 -31.43 3.03 -30.07
N CYS D 4 -30.17 3.25 -29.65
CA CYS D 4 -29.93 3.55 -28.25
C CYS D 4 -30.48 4.92 -27.83
N SER D 5 -30.76 5.80 -28.79
CA SER D 5 -31.39 7.06 -28.43
C SER D 5 -32.86 6.89 -28.05
N ASN D 6 -33.43 5.70 -28.31
CA ASN D 6 -34.81 5.44 -27.95
C ASN D 6 -34.98 5.13 -26.47
N CYS D 7 -33.90 4.80 -25.75
CA CYS D 7 -33.98 4.45 -24.34
C CYS D 7 -33.89 5.70 -23.48
N PRO D 8 -34.92 6.02 -22.70
CA PRO D 8 -34.88 7.23 -21.87
C PRO D 8 -34.18 6.97 -20.56
N ALA D 9 -34.05 8.03 -19.75
CA ALA D 9 -33.56 7.88 -18.39
C ALA D 9 -34.44 6.90 -17.64
N GLY D 10 -33.81 6.08 -16.79
CA GLY D 10 -34.47 4.97 -16.14
C GLY D 10 -34.26 3.62 -16.80
N THR D 11 -33.71 3.58 -18.01
CA THR D 11 -33.34 2.33 -18.65
C THR D 11 -31.95 2.47 -19.24
N PHE D 12 -31.44 1.37 -19.80
CA PHE D 12 -30.16 1.36 -20.50
C PHE D 12 -30.28 0.59 -21.82
N CYS D 13 -29.38 0.88 -22.75
CA CYS D 13 -29.40 0.23 -24.07
C CYS D 13 -28.63 -1.07 -23.96
N ASP D 14 -29.37 -2.16 -23.71
CA ASP D 14 -28.79 -3.48 -23.45
C ASP D 14 -28.01 -4.02 -24.65
N ASN D 15 -26.67 -3.91 -24.60
CA ASN D 15 -25.84 -4.45 -25.67
C ASN D 15 -25.69 -5.97 -25.60
N ASN D 16 -26.15 -6.60 -24.53
CA ASN D 16 -26.21 -8.06 -24.44
C ASN D 16 -27.47 -8.63 -25.07
N ARG D 17 -28.49 -7.80 -25.32
CA ARG D 17 -29.75 -8.23 -25.90
C ARG D 17 -30.10 -7.39 -27.12
N ASN D 18 -29.11 -7.12 -27.97
CA ASN D 18 -29.30 -6.53 -29.29
C ASN D 18 -30.02 -5.18 -29.22
N GLN D 19 -29.46 -4.28 -28.40
CA GLN D 19 -29.84 -2.86 -28.35
C GLN D 19 -31.29 -2.64 -27.90
N ILE D 20 -31.96 -3.64 -27.32
CA ILE D 20 -33.22 -3.37 -26.65
C ILE D 20 -32.95 -2.51 -25.41
N CYS D 21 -33.95 -1.72 -25.03
CA CYS D 21 -33.90 -0.96 -23.78
C CYS D 21 -34.38 -1.83 -22.63
N SER D 22 -33.59 -1.88 -21.55
CA SER D 22 -33.96 -2.63 -20.38
C SER D 22 -34.03 -1.68 -19.19
N PRO D 23 -35.04 -1.83 -18.32
CA PRO D 23 -35.11 -0.97 -17.15
C PRO D 23 -33.86 -1.15 -16.31
N CYS D 24 -33.45 -0.07 -15.63
CA CYS D 24 -32.30 -0.14 -14.75
C CYS D 24 -32.48 -1.28 -13.75
N PRO D 25 -31.47 -2.09 -13.53
CA PRO D 25 -31.54 -3.14 -12.52
C PRO D 25 -31.89 -2.56 -11.16
N PRO D 26 -32.35 -3.40 -10.24
CA PRO D 26 -32.60 -2.92 -8.87
C PRO D 26 -31.38 -2.22 -8.28
N ASN D 27 -31.65 -1.10 -7.60
CA ASN D 27 -30.63 -0.29 -6.93
C ASN D 27 -29.70 0.41 -7.92
N SER D 28 -30.20 0.82 -9.08
CA SER D 28 -29.42 1.62 -10.01
C SER D 28 -30.30 2.67 -10.65
N PHE D 29 -29.64 3.55 -11.41
CA PHE D 29 -30.32 4.66 -12.06
C PHE D 29 -29.53 5.02 -13.31
N SER D 30 -30.22 5.70 -14.23
CA SER D 30 -29.58 6.36 -15.36
C SER D 30 -30.18 7.74 -15.46
N SER D 31 -29.35 8.77 -15.33
CA SER D 31 -29.84 10.15 -15.26
C SER D 31 -30.03 10.77 -16.64
N ALA D 32 -29.47 10.15 -17.68
CA ALA D 32 -29.68 10.57 -19.06
C ALA D 32 -30.09 9.38 -19.90
N GLY D 33 -30.69 9.68 -21.05
CA GLY D 33 -31.06 8.63 -21.98
C GLY D 33 -29.91 8.23 -22.87
N GLY D 34 -30.02 7.04 -23.45
CA GLY D 34 -28.99 6.54 -24.34
C GLY D 34 -27.76 5.98 -23.68
N GLN D 35 -27.75 5.84 -22.36
CA GLN D 35 -26.63 5.19 -21.68
C GLN D 35 -26.63 3.70 -21.97
N ARG D 36 -25.43 3.13 -22.04
CA ARG D 36 -25.28 1.70 -22.25
C ARG D 36 -25.28 0.91 -20.95
N THR D 37 -25.33 1.59 -19.81
CA THR D 37 -25.42 0.91 -18.52
C THR D 37 -25.93 1.90 -17.49
N CYS D 38 -26.50 1.36 -16.41
CA CYS D 38 -26.95 2.15 -15.27
C CYS D 38 -25.89 2.11 -14.17
N ASP D 39 -25.89 3.12 -13.31
CA ASP D 39 -24.91 3.19 -12.23
C ASP D 39 -25.57 2.86 -10.90
N ILE D 40 -24.81 2.17 -10.05
CA ILE D 40 -25.34 1.71 -8.76
C ILE D 40 -25.68 2.91 -7.89
N CYS D 41 -26.81 2.81 -7.20
CA CYS D 41 -27.27 3.90 -6.35
C CYS D 41 -26.39 4.05 -5.13
N ARG D 42 -26.15 5.30 -4.73
CA ARG D 42 -25.47 5.57 -3.48
C ARG D 42 -26.27 4.99 -2.32
N GLN D 43 -25.58 4.31 -1.40
CA GLN D 43 -26.19 3.87 -0.15
C GLN D 43 -25.79 4.80 0.98
N CYS D 44 -26.72 5.07 1.90
CA CYS D 44 -26.52 5.94 3.05
C CYS D 44 -26.79 5.12 4.31
N LYS D 45 -25.75 4.63 4.96
CA LYS D 45 -25.94 3.78 6.13
C LYS D 45 -24.92 4.11 7.22
N GLY D 46 -25.08 3.47 8.36
CA GLY D 46 -24.25 3.75 9.52
C GLY D 46 -24.44 5.16 10.03
N VAL D 47 -23.39 5.97 9.96
CA VAL D 47 -23.52 7.36 10.39
C VAL D 47 -24.34 8.15 9.39
N PHE D 48 -24.54 7.61 8.19
CA PHE D 48 -25.30 8.25 7.13
C PHE D 48 -26.77 7.91 7.23
N ARG D 49 -27.60 8.84 6.74
CA ARG D 49 -29.04 8.65 6.59
C ARG D 49 -29.42 9.02 5.16
N THR D 50 -30.53 8.45 4.69
CA THR D 50 -31.03 8.74 3.35
C THR D 50 -31.79 10.05 3.38
N ARG D 51 -31.27 11.06 2.69
CA ARG D 51 -31.97 12.33 2.57
C ARG D 51 -33.00 12.29 1.43
N LYS D 52 -32.59 11.81 0.26
CA LYS D 52 -33.51 11.54 -0.84
C LYS D 52 -33.19 10.16 -1.38
N GLU D 53 -34.19 9.28 -1.41
CA GLU D 53 -33.99 7.97 -1.97
C GLU D 53 -33.72 8.07 -3.47
N CYS D 54 -32.89 7.16 -3.97
CA CYS D 54 -32.63 7.14 -5.39
C CYS D 54 -33.83 6.54 -6.13
N SER D 55 -33.99 6.97 -7.36
CA SER D 55 -35.02 6.45 -8.26
C SER D 55 -34.31 5.80 -9.44
N SER D 56 -35.10 5.36 -10.43
CA SER D 56 -34.51 4.94 -11.69
C SER D 56 -33.86 6.10 -12.42
N THR D 57 -34.24 7.33 -12.09
CA THR D 57 -33.76 8.52 -12.79
C THR D 57 -32.71 9.30 -12.02
N SER D 58 -32.73 9.26 -10.69
CA SER D 58 -31.91 10.15 -9.87
C SER D 58 -31.17 9.37 -8.79
N ASN D 59 -29.95 9.81 -8.49
CA ASN D 59 -29.16 9.16 -7.46
C ASN D 59 -29.65 9.53 -6.06
N ALA D 60 -29.40 8.65 -5.10
CA ALA D 60 -29.78 8.92 -3.73
C ALA D 60 -28.86 9.96 -3.10
N GLU D 61 -29.40 10.69 -2.13
CA GLU D 61 -28.69 11.72 -1.39
C GLU D 61 -28.57 11.29 0.08
N CYS D 62 -27.38 11.47 0.64
CA CYS D 62 -27.13 11.17 2.04
C CYS D 62 -27.08 12.46 2.85
N ASP D 63 -27.48 12.35 4.11
CA ASP D 63 -27.13 13.32 5.13
C ASP D 63 -26.65 12.56 6.36
N CYS D 64 -26.31 13.28 7.42
CA CYS D 64 -25.70 12.68 8.60
C CYS D 64 -26.73 12.53 9.71
N THR D 65 -26.58 11.48 10.50
CA THR D 65 -27.48 11.21 11.59
C THR D 65 -27.42 12.36 12.62
N PRO D 66 -28.49 12.60 13.37
CA PRO D 66 -28.49 13.68 14.36
C PRO D 66 -27.30 13.59 15.31
N GLY D 67 -26.77 14.75 15.67
CA GLY D 67 -25.52 14.82 16.40
C GLY D 67 -24.31 14.96 15.50
N PHE D 68 -24.47 14.75 14.19
CA PHE D 68 -23.40 14.93 13.22
C PHE D 68 -23.89 15.83 12.10
N HIS D 69 -22.95 16.37 11.33
CA HIS D 69 -23.26 17.18 10.16
C HIS D 69 -22.37 16.76 8.99
N CYS D 70 -22.84 17.08 7.78
CA CYS D 70 -22.10 16.78 6.53
C CYS D 70 -20.85 17.62 6.36
N LEU D 71 -19.80 16.96 5.85
CA LEU D 71 -18.57 17.61 5.43
C LEU D 71 -18.33 17.27 3.96
N GLY D 72 -17.89 18.25 3.21
CA GLY D 72 -17.59 18.06 1.81
C GLY D 72 -18.84 18.01 0.93
N ALA D 73 -18.60 18.11 -0.37
CA ALA D 73 -19.70 18.10 -1.33
C ALA D 73 -20.33 16.73 -1.41
N GLY D 74 -21.66 16.71 -1.54
CA GLY D 74 -22.41 15.47 -1.53
C GLY D 74 -22.43 14.75 -0.20
N CYS D 75 -22.04 15.43 0.89
CA CYS D 75 -22.03 14.81 2.22
C CYS D 75 -21.17 13.55 2.23
N SER D 76 -19.92 13.68 1.74
CA SER D 76 -19.02 12.54 1.64
C SER D 76 -18.43 12.13 2.98
N MET D 77 -18.67 12.90 4.04
CA MET D 77 -18.10 12.57 5.35
C MET D 77 -18.94 13.27 6.41
N CYS D 78 -19.07 12.61 7.57
CA CYS D 78 -19.79 13.18 8.70
C CYS D 78 -18.80 13.59 9.79
N GLU D 79 -19.22 14.59 10.57
CA GLU D 79 -18.42 15.13 11.67
C GLU D 79 -19.33 15.50 12.81
N GLN D 80 -18.97 15.11 14.03
CA GLN D 80 -19.78 15.47 15.18
C GLN D 80 -19.94 16.98 15.26
N ASP D 81 -21.13 17.42 15.68
CA ASP D 81 -21.41 18.85 15.76
C ASP D 81 -20.41 19.54 16.67
N CYS D 82 -20.04 20.75 16.30
CA CYS D 82 -18.96 21.46 16.98
C CYS D 82 -19.38 21.90 18.37
N LYS D 83 -18.48 21.76 19.33
CA LYS D 83 -18.77 22.03 20.74
C LYS D 83 -18.38 23.46 21.10
N GLN D 84 -18.61 23.82 22.36
CA GLN D 84 -18.19 25.12 22.85
C GLN D 84 -16.70 25.32 22.58
N GLY D 85 -16.33 26.52 22.16
CA GLY D 85 -14.97 26.83 21.79
C GLY D 85 -14.64 26.65 20.32
N GLN D 86 -15.60 26.19 19.51
CA GLN D 86 -15.39 25.93 18.10
C GLN D 86 -16.49 26.57 17.28
N GLU D 87 -16.27 26.61 15.97
CA GLU D 87 -17.24 27.06 14.99
C GLU D 87 -17.18 26.10 13.81
N LEU D 88 -18.33 25.86 13.19
CA LEU D 88 -18.37 25.02 12.00
C LEU D 88 -17.90 25.82 10.79
N THR D 89 -16.81 25.38 10.17
CA THR D 89 -16.34 25.94 8.92
C THR D 89 -16.47 24.91 7.80
N LYS D 90 -16.30 25.37 6.57
CA LYS D 90 -16.44 24.48 5.42
C LYS D 90 -15.51 23.28 5.52
N LYS D 91 -14.36 23.43 6.16
CA LYS D 91 -13.40 22.35 6.33
C LYS D 91 -13.58 21.59 7.64
N GLY D 92 -14.62 21.89 8.40
CA GLY D 92 -14.87 21.18 9.65
C GLY D 92 -14.95 22.09 10.87
N CYS D 93 -14.84 21.51 12.06
CA CYS D 93 -14.90 22.29 13.28
C CYS D 93 -13.54 22.93 13.54
N LYS D 94 -13.53 24.25 13.74
CA LYS D 94 -12.32 25.02 13.94
C LYS D 94 -12.40 25.81 15.25
N ASP D 95 -11.29 25.83 15.98
CA ASP D 95 -11.20 26.67 17.17
C ASP D 95 -11.46 28.13 16.82
N CYS D 96 -12.14 28.83 17.71
CA CYS D 96 -12.25 30.28 17.59
C CYS D 96 -10.86 30.90 17.57
N CYS D 97 -10.61 31.80 16.62
CA CYS D 97 -9.33 32.47 16.58
C CYS D 97 -9.21 33.42 17.77
N PHE D 98 -7.96 33.75 18.11
CA PHE D 98 -7.67 34.51 19.32
C PHE D 98 -8.47 35.82 19.36
N GLY D 99 -9.09 36.07 20.51
CA GLY D 99 -9.91 37.25 20.70
C GLY D 99 -11.39 37.03 20.52
N THR D 100 -11.81 35.86 20.05
CA THR D 100 -13.21 35.49 19.90
C THR D 100 -13.52 34.28 20.75
N PHE D 101 -14.81 33.96 20.86
CA PHE D 101 -15.23 32.89 21.74
C PHE D 101 -16.58 32.36 21.30
N ASN D 102 -16.85 31.12 21.65
CA ASN D 102 -18.19 30.57 21.57
C ASN D 102 -18.41 29.65 22.77
N ASP D 103 -19.49 29.89 23.51
CA ASP D 103 -19.70 29.24 24.80
C ASP D 103 -20.79 28.17 24.75
N GLN D 104 -21.14 27.66 23.57
CA GLN D 104 -22.22 26.69 23.49
C GLN D 104 -22.00 25.74 22.32
N LYS D 105 -22.60 24.57 22.43
CA LYS D 105 -22.61 23.62 21.32
C LYS D 105 -23.29 24.26 20.12
N ARG D 106 -22.72 23.99 18.94
CA ARG D 106 -23.28 24.45 17.65
C ARG D 106 -23.43 25.97 17.62
N GLY D 107 -22.42 26.67 18.12
CA GLY D 107 -22.41 28.12 18.13
C GLY D 107 -21.38 28.68 17.15
N ILE D 108 -21.38 30.00 17.05
CA ILE D 108 -20.42 30.71 16.21
C ILE D 108 -19.59 31.62 17.10
N CYS D 109 -18.30 31.72 16.77
CA CYS D 109 -17.39 32.60 17.47
C CYS D 109 -17.81 34.06 17.32
N ARG D 110 -17.93 34.77 18.45
CA ARG D 110 -18.17 36.20 18.58
C ARG D 110 -16.97 36.86 19.25
N PRO D 111 -16.70 38.13 18.94
CA PRO D 111 -15.55 38.80 19.55
C PRO D 111 -15.77 39.04 21.04
N TRP D 112 -14.67 38.98 21.79
CA TRP D 112 -14.70 39.27 23.22
C TRP D 112 -15.27 40.66 23.47
N THR D 113 -15.90 40.82 24.62
CA THR D 113 -16.31 42.14 25.06
C THR D 113 -15.09 43.01 25.33
N ASN D 114 -15.03 44.18 24.71
CA ASN D 114 -13.95 45.11 24.95
C ASN D 114 -14.27 45.87 26.24
N CYS D 115 -13.59 45.49 27.34
CA CYS D 115 -13.84 46.14 28.61
C CYS D 115 -13.34 47.58 28.61
N SER D 116 -12.19 47.81 27.96
CA SER D 116 -11.63 49.16 27.92
C SER D 116 -12.54 50.15 27.21
N LEU D 117 -13.32 49.67 26.23
CA LEU D 117 -14.21 50.57 25.48
C LEU D 117 -15.22 51.23 26.40
N ASP D 118 -15.80 50.47 27.33
CA ASP D 118 -16.72 51.01 28.32
C ASP D 118 -16.00 51.52 29.57
N GLY D 119 -14.70 51.76 29.47
CA GLY D 119 -13.94 52.26 30.61
C GLY D 119 -13.90 51.31 31.78
N LYS D 120 -13.93 50.01 31.53
CA LYS D 120 -13.95 49.00 32.58
C LYS D 120 -12.70 48.15 32.52
N SER D 121 -12.32 47.59 33.67
CA SER D 121 -11.17 46.71 33.78
C SER D 121 -11.56 45.30 33.32
N VAL D 122 -10.58 44.39 33.34
CA VAL D 122 -10.78 42.99 33.00
C VAL D 122 -10.50 42.16 34.25
N LEU D 123 -11.54 41.52 34.78
CA LEU D 123 -11.39 40.68 35.96
C LEU D 123 -10.90 39.29 35.59
N VAL D 124 -11.45 38.70 34.53
CA VAL D 124 -11.04 37.38 34.04
C VAL D 124 -10.91 37.49 32.53
N ASN D 125 -9.74 37.15 32.00
CA ASN D 125 -9.57 37.16 30.56
C ASN D 125 -10.41 36.06 29.92
N GLY D 126 -10.88 36.31 28.71
CA GLY D 126 -11.64 35.32 27.98
C GLY D 126 -10.77 34.24 27.36
N THR D 127 -11.42 33.24 26.81
CA THR D 127 -10.76 32.17 26.06
C THR D 127 -11.57 31.93 24.80
N LYS D 128 -11.23 30.86 24.08
CA LYS D 128 -12.09 30.47 22.96
C LYS D 128 -13.43 29.93 23.42
N GLU D 129 -13.57 29.60 24.71
CA GLU D 129 -14.79 29.01 25.25
C GLU D 129 -15.61 29.96 26.11
N ARG D 130 -15.05 31.11 26.51
CA ARG D 130 -15.77 32.01 27.41
C ARG D 130 -15.46 33.46 27.08
N ASP D 131 -16.47 34.32 27.24
CA ASP D 131 -16.28 35.74 27.12
C ASP D 131 -15.49 36.28 28.30
N VAL D 132 -14.79 37.39 28.08
CA VAL D 132 -14.12 38.05 29.20
C VAL D 132 -15.16 38.50 30.22
N VAL D 133 -14.71 38.64 31.46
CA VAL D 133 -15.52 39.21 32.53
C VAL D 133 -14.94 40.58 32.87
N CYS D 134 -15.68 41.63 32.55
CA CYS D 134 -15.24 42.99 32.85
C CYS D 134 -15.48 43.30 34.32
N GLY D 135 -14.70 44.24 34.83
CA GLY D 135 -14.85 44.71 36.18
C GLY D 135 -15.26 46.17 36.25
N PRO D 136 -15.17 46.75 37.44
CA PRO D 136 -15.45 48.19 37.58
C PRO D 136 -14.38 49.03 36.89
N SER D 137 -14.68 50.31 36.75
CA SER D 137 -13.70 51.24 36.19
C SER D 137 -12.39 51.13 36.96
N PRO D 138 -11.24 51.22 36.28
CA PRO D 138 -9.96 51.07 37.00
C PRO D 138 -9.77 52.07 38.13
N GLU D 139 -10.38 53.26 38.02
CA GLU D 139 -10.30 54.29 39.04
C GLU D 139 -11.28 54.07 40.19
N ASN D 140 -11.93 52.90 40.26
CA ASN D 140 -12.90 52.63 41.30
C ASN D 140 -12.21 52.26 42.62
N LEU D 141 -12.97 52.37 43.71
CA LEU D 141 -12.47 51.96 45.02
C LEU D 141 -12.15 50.48 45.08
N TYR D 142 -12.77 49.69 44.19
CA TYR D 142 -12.41 48.28 44.00
C TYR D 142 -10.90 48.11 43.86
N PHE D 143 -10.28 48.95 43.04
CA PHE D 143 -8.83 48.90 42.83
C PHE D 143 -8.12 49.88 43.76
N GLN D 144 -7.02 49.41 44.34
CA GLN D 144 -6.24 50.24 45.25
C GLN D 144 -5.48 51.34 44.49
N ASP E 2 -18.15 -38.79 -8.65
CA ASP E 2 -17.35 -37.62 -9.02
C ASP E 2 -15.88 -37.99 -9.16
N PRO E 3 -15.18 -37.36 -10.11
CA PRO E 3 -13.73 -37.56 -10.21
C PRO E 3 -13.03 -37.07 -8.96
N CYS E 4 -11.84 -37.61 -8.73
CA CYS E 4 -11.00 -37.29 -7.58
C CYS E 4 -11.64 -37.68 -6.25
N SER E 5 -12.79 -38.34 -6.29
CA SER E 5 -13.51 -38.66 -5.07
C SER E 5 -12.68 -39.57 -4.17
N ASN E 6 -12.43 -39.11 -2.95
CA ASN E 6 -11.60 -39.81 -1.98
C ASN E 6 -10.30 -40.31 -2.59
N CYS E 7 -9.60 -39.41 -3.30
CA CYS E 7 -8.18 -39.57 -3.46
C CYS E 7 -7.60 -39.59 -2.05
N PRO E 8 -6.93 -40.66 -1.63
CA PRO E 8 -6.56 -40.78 -0.22
C PRO E 8 -5.63 -39.66 0.23
N ALA E 9 -5.59 -39.45 1.54
CA ALA E 9 -4.67 -38.48 2.10
C ALA E 9 -3.24 -38.86 1.73
N GLY E 10 -2.41 -37.85 1.51
CA GLY E 10 -1.08 -38.06 0.97
C GLY E 10 -1.02 -38.05 -0.55
N THR E 11 -2.16 -37.99 -1.23
CA THR E 11 -2.19 -37.92 -2.68
C THR E 11 -3.03 -36.71 -3.11
N PHE E 12 -2.95 -36.39 -4.40
CA PHE E 12 -3.75 -35.35 -5.00
C PHE E 12 -4.24 -35.82 -6.37
N CYS E 13 -5.40 -35.32 -6.77
CA CYS E 13 -5.99 -35.69 -8.06
C CYS E 13 -5.20 -34.99 -9.17
N ASP E 14 -4.36 -35.76 -9.86
CA ASP E 14 -3.38 -35.21 -10.79
C ASP E 14 -4.06 -34.92 -12.13
N ASN E 15 -4.37 -33.63 -12.35
CA ASN E 15 -4.88 -33.16 -13.64
C ASN E 15 -3.92 -33.44 -14.79
N ASN E 16 -2.64 -33.71 -14.49
CA ASN E 16 -1.65 -33.95 -15.53
C ASN E 16 -1.43 -35.43 -15.83
N ARG E 17 -1.68 -36.31 -14.86
CA ARG E 17 -1.59 -37.75 -15.06
C ARG E 17 -2.96 -38.37 -15.30
N ASN E 18 -3.82 -37.64 -16.02
CA ASN E 18 -5.17 -38.07 -16.33
C ASN E 18 -5.92 -38.47 -15.05
N GLN E 19 -5.93 -37.56 -14.09
CA GLN E 19 -6.79 -37.62 -12.90
C GLN E 19 -6.64 -38.94 -12.14
N ILE E 20 -5.43 -39.50 -12.17
CA ILE E 20 -5.00 -40.50 -11.20
C ILE E 20 -4.63 -39.79 -9.91
N CYS E 21 -4.87 -40.45 -8.77
CA CYS E 21 -4.37 -39.93 -7.49
C CYS E 21 -2.87 -40.12 -7.44
N SER E 22 -2.11 -39.04 -7.73
CA SER E 22 -0.65 -39.04 -7.65
C SER E 22 -0.20 -38.73 -6.23
N PRO E 23 0.91 -39.29 -5.78
CA PRO E 23 1.41 -38.97 -4.44
C PRO E 23 1.82 -37.51 -4.34
N CYS E 24 1.65 -36.95 -3.16
CA CYS E 24 2.04 -35.56 -2.93
C CYS E 24 3.51 -35.37 -3.25
N PRO E 25 3.89 -34.26 -3.87
CA PRO E 25 5.31 -33.98 -4.08
C PRO E 25 6.00 -33.75 -2.75
N PRO E 26 7.33 -33.78 -2.73
CA PRO E 26 8.04 -33.53 -1.47
C PRO E 26 7.68 -32.18 -0.90
N ASN E 27 7.82 -32.07 0.43
CA ASN E 27 7.53 -30.85 1.17
C ASN E 27 6.07 -30.43 1.04
N SER E 28 5.17 -31.39 0.81
CA SER E 28 3.75 -31.11 0.80
C SER E 28 2.99 -32.23 1.49
N PHE E 29 1.69 -32.00 1.63
CA PHE E 29 0.78 -32.90 2.32
C PHE E 29 -0.63 -32.64 1.83
N SER E 30 -1.52 -33.58 2.14
CA SER E 30 -2.95 -33.40 1.90
C SER E 30 -3.69 -34.18 2.99
N SER E 31 -4.09 -33.48 4.05
CA SER E 31 -4.75 -34.12 5.19
C SER E 31 -6.17 -34.55 4.88
N ALA E 32 -6.68 -34.33 3.67
CA ALA E 32 -8.04 -34.69 3.32
C ALA E 32 -8.06 -35.43 1.99
N GLY E 33 -9.19 -36.04 1.70
CA GLY E 33 -9.40 -36.63 0.40
C GLY E 33 -9.87 -35.61 -0.63
N GLY E 34 -9.80 -36.02 -1.89
CA GLY E 34 -10.36 -35.25 -2.99
C GLY E 34 -9.58 -34.03 -3.43
N GLN E 35 -8.48 -33.69 -2.75
CA GLN E 35 -7.73 -32.49 -3.13
C GLN E 35 -7.12 -32.64 -4.52
N ARG E 36 -7.18 -31.56 -5.31
CA ARG E 36 -6.52 -31.53 -6.61
C ARG E 36 -5.07 -31.07 -6.52
N THR E 37 -4.66 -30.52 -5.38
CA THR E 37 -3.27 -30.18 -5.12
C THR E 37 -2.97 -30.47 -3.65
N CYS E 38 -1.68 -30.62 -3.35
CA CYS E 38 -1.19 -30.73 -1.99
C CYS E 38 -0.72 -29.36 -1.51
N ASP E 39 -0.83 -29.14 -0.20
CA ASP E 39 -0.41 -27.88 0.40
C ASP E 39 1.05 -27.95 0.84
N ILE E 40 1.76 -26.84 0.67
CA ILE E 40 3.17 -26.78 1.02
C ILE E 40 3.34 -26.90 2.53
N CYS E 41 4.31 -27.73 2.94
CA CYS E 41 4.59 -27.88 4.36
C CYS E 41 5.08 -26.59 4.97
N ARG E 42 4.64 -26.30 6.19
CA ARG E 42 5.18 -25.18 6.94
C ARG E 42 6.65 -25.41 7.27
N GLN E 43 7.43 -24.35 7.19
CA GLN E 43 8.83 -24.38 7.59
C GLN E 43 9.02 -23.62 8.89
N CYS E 44 9.86 -24.14 9.77
CA CYS E 44 10.15 -23.54 11.07
C CYS E 44 11.62 -23.14 11.09
N LYS E 45 11.90 -21.85 10.87
CA LYS E 45 13.27 -21.37 10.79
C LYS E 45 13.40 -20.05 11.53
N GLY E 46 14.65 -19.60 11.68
CA GLY E 46 14.93 -18.38 12.40
C GLY E 46 14.59 -18.54 13.86
N VAL E 47 13.61 -17.78 14.34
CA VAL E 47 13.19 -17.91 15.73
C VAL E 47 12.38 -19.17 15.98
N PHE E 48 11.88 -19.83 14.92
CA PHE E 48 11.08 -21.03 15.05
C PHE E 48 11.95 -22.29 15.02
N ARG E 49 11.46 -23.34 15.67
CA ARG E 49 12.02 -24.67 15.59
C ARG E 49 10.93 -25.64 15.19
N THR E 50 11.32 -26.74 14.55
CA THR E 50 10.37 -27.77 14.16
C THR E 50 10.06 -28.63 15.38
N ARG E 51 8.82 -28.53 15.89
CA ARG E 51 8.39 -29.42 16.96
C ARG E 51 7.98 -30.77 16.40
N LYS E 52 7.05 -30.78 15.44
CA LYS E 52 6.64 -31.98 14.73
C LYS E 52 6.95 -31.80 13.24
N GLU E 53 7.49 -32.85 12.64
CA GLU E 53 7.88 -32.81 11.24
C GLU E 53 6.67 -33.01 10.33
N CYS E 54 6.77 -32.44 9.13
CA CYS E 54 5.74 -32.65 8.13
C CYS E 54 5.74 -34.11 7.66
N SER E 55 4.56 -34.59 7.31
CA SER E 55 4.38 -35.90 6.70
C SER E 55 3.51 -35.73 5.46
N SER E 56 3.31 -36.83 4.73
CA SER E 56 2.41 -36.78 3.59
C SER E 56 0.97 -36.50 4.01
N THR E 57 0.66 -36.63 5.30
CA THR E 57 -0.71 -36.57 5.79
C THR E 57 -0.98 -35.39 6.72
N SER E 58 0.05 -34.75 7.26
CA SER E 58 -0.16 -33.68 8.22
C SER E 58 0.95 -32.65 8.10
N ASN E 59 0.60 -31.40 8.38
CA ASN E 59 1.55 -30.31 8.31
C ASN E 59 2.54 -30.38 9.46
N ALA E 60 3.73 -29.82 9.23
CA ALA E 60 4.68 -29.64 10.32
C ALA E 60 4.13 -28.65 11.35
N GLU E 61 4.70 -28.69 12.54
CA GLU E 61 4.31 -27.79 13.62
C GLU E 61 5.55 -27.17 14.22
N CYS E 62 5.49 -25.86 14.44
CA CYS E 62 6.62 -25.11 14.98
C CYS E 62 6.46 -24.86 16.48
N ASP E 63 7.59 -24.60 17.13
CA ASP E 63 7.65 -23.97 18.44
C ASP E 63 8.76 -22.94 18.40
N CYS E 64 9.05 -22.31 19.53
CA CYS E 64 10.01 -21.23 19.57
C CYS E 64 11.36 -21.69 20.10
N THR E 65 12.41 -21.01 19.66
CA THR E 65 13.75 -21.31 20.13
C THR E 65 13.88 -20.95 21.61
N PRO E 66 14.71 -21.67 22.36
CA PRO E 66 14.88 -21.39 23.80
C PRO E 66 15.16 -19.92 24.08
N GLY E 67 14.37 -19.35 24.99
CA GLY E 67 14.39 -17.93 25.27
C GLY E 67 13.12 -17.23 24.83
N PHE E 68 12.30 -17.90 24.03
CA PHE E 68 11.04 -17.36 23.53
C PHE E 68 9.96 -18.40 23.77
N HIS E 69 8.70 -17.95 23.62
CA HIS E 69 7.56 -18.84 23.73
C HIS E 69 6.58 -18.52 22.60
N CYS E 70 5.75 -19.49 22.27
CA CYS E 70 4.75 -19.32 21.23
C CYS E 70 3.67 -18.35 21.67
N LEU E 71 3.07 -17.67 20.69
CA LEU E 71 2.02 -16.70 20.97
C LEU E 71 0.71 -17.04 20.25
N GLY E 72 0.75 -17.22 18.94
CA GLY E 72 -0.45 -17.47 18.19
C GLY E 72 -1.08 -18.82 18.47
N ALA E 73 -2.16 -19.11 17.75
CA ALA E 73 -2.85 -20.38 17.92
C ALA E 73 -1.99 -21.54 17.45
N GLY E 74 -1.42 -21.42 16.24
CA GLY E 74 -0.53 -22.44 15.75
C GLY E 74 0.92 -22.02 15.85
N CYS E 75 1.27 -21.40 16.98
CA CYS E 75 2.57 -20.77 17.19
C CYS E 75 2.90 -19.82 16.04
N SER E 76 2.01 -18.84 15.85
CA SER E 76 2.12 -17.94 14.71
C SER E 76 3.22 -16.90 14.90
N MET E 77 3.63 -16.63 16.13
CA MET E 77 4.81 -15.82 16.35
C MET E 77 5.42 -16.18 17.69
N CYS E 78 6.61 -15.63 17.94
CA CYS E 78 7.36 -15.87 19.16
C CYS E 78 7.52 -14.58 19.93
N GLU E 79 7.71 -14.72 21.25
CA GLU E 79 7.85 -13.58 22.15
C GLU E 79 8.92 -13.89 23.18
N GLN E 80 9.77 -12.92 23.46
CA GLN E 80 10.82 -13.11 24.45
C GLN E 80 10.20 -13.49 25.79
N ASP E 81 10.87 -14.37 26.53
CA ASP E 81 10.34 -14.86 27.79
C ASP E 81 10.08 -13.68 28.74
N CYS E 82 8.96 -13.75 29.46
CA CYS E 82 8.53 -12.65 30.29
C CYS E 82 9.53 -12.40 31.41
N LYS E 83 9.77 -11.12 31.70
CA LYS E 83 10.74 -10.71 32.70
C LYS E 83 10.02 -10.35 34.01
N GLN E 84 10.80 -9.95 35.01
CA GLN E 84 10.22 -9.58 36.29
C GLN E 84 9.28 -8.40 36.11
N GLY E 85 8.26 -8.34 36.96
CA GLY E 85 7.18 -7.38 36.80
C GLY E 85 6.14 -7.77 35.78
N GLN E 86 6.29 -8.92 35.13
CA GLN E 86 5.41 -9.32 34.04
C GLN E 86 4.92 -10.75 34.27
N GLU E 87 3.79 -11.06 33.66
CA GLU E 87 3.18 -12.37 33.71
C GLU E 87 2.85 -12.81 32.29
N LEU E 88 3.09 -14.08 31.97
CA LEU E 88 2.75 -14.61 30.65
C LEU E 88 1.26 -14.88 30.60
N THR E 89 0.57 -14.23 29.66
CA THR E 89 -0.84 -14.46 29.38
C THR E 89 -0.99 -15.22 28.06
N LYS E 90 -2.22 -15.60 27.75
CA LYS E 90 -2.51 -16.17 26.44
C LYS E 90 -2.21 -15.20 25.31
N LYS E 91 -2.20 -13.89 25.59
CA LYS E 91 -1.91 -12.86 24.60
C LYS E 91 -0.54 -12.23 24.81
N GLY E 92 0.36 -12.88 25.54
CA GLY E 92 1.72 -12.41 25.70
C GLY E 92 2.02 -11.95 27.13
N CYS E 93 3.17 -11.29 27.26
CA CYS E 93 3.61 -10.79 28.55
C CYS E 93 2.85 -9.51 28.89
N LYS E 94 2.06 -9.57 29.95
CA LYS E 94 1.35 -8.41 30.47
C LYS E 94 1.92 -8.02 31.82
N ASP E 95 1.89 -6.73 32.11
CA ASP E 95 2.35 -6.23 33.39
C ASP E 95 1.45 -6.75 34.51
N CYS E 96 2.06 -6.94 35.69
CA CYS E 96 1.30 -7.40 36.85
C CYS E 96 0.19 -6.41 37.17
N CYS E 97 -0.98 -6.95 37.50
CA CYS E 97 -2.09 -6.11 37.94
C CYS E 97 -1.70 -5.34 39.19
N PHE E 98 -2.22 -4.12 39.30
CA PHE E 98 -1.82 -3.25 40.40
C PHE E 98 -2.15 -3.87 41.75
N GLY E 99 -1.21 -3.76 42.69
CA GLY E 99 -1.28 -4.42 43.97
C GLY E 99 -0.64 -5.79 44.01
N THR E 100 -0.16 -6.30 42.88
CA THR E 100 0.52 -7.58 42.79
C THR E 100 1.92 -7.36 42.21
N PHE E 101 2.73 -8.40 42.26
CA PHE E 101 4.12 -8.25 41.85
C PHE E 101 4.69 -9.57 41.37
N ASN E 102 5.79 -9.46 40.62
CA ASN E 102 6.59 -10.60 40.20
C ASN E 102 8.04 -10.18 40.18
N ASP E 103 8.87 -10.79 41.03
CA ASP E 103 10.27 -10.37 41.18
C ASP E 103 11.25 -11.28 40.46
N GLN E 104 10.77 -12.18 39.60
CA GLN E 104 11.63 -13.14 38.92
C GLN E 104 11.22 -13.28 37.46
N LYS E 105 12.20 -13.57 36.62
CA LYS E 105 11.93 -13.90 35.23
C LYS E 105 11.06 -15.15 35.14
N ARG E 106 10.18 -15.18 34.14
CA ARG E 106 9.27 -16.30 33.95
C ARG E 106 8.49 -16.61 35.22
N GLY E 107 7.86 -15.59 35.78
CA GLY E 107 7.13 -15.80 37.01
C GLY E 107 5.68 -15.38 36.94
N ILE E 108 4.91 -15.79 37.94
CA ILE E 108 3.50 -15.45 38.05
C ILE E 108 3.34 -14.30 39.06
N CYS E 109 2.42 -13.38 38.78
CA CYS E 109 2.17 -12.28 39.69
C CYS E 109 1.48 -12.79 40.95
N ARG E 110 1.98 -12.32 42.10
CA ARG E 110 1.43 -12.61 43.41
C ARG E 110 1.04 -11.30 44.09
N PRO E 111 -0.04 -11.29 44.87
CA PRO E 111 -0.41 -10.06 45.59
C PRO E 111 0.62 -9.69 46.64
N TRP E 112 0.75 -8.39 46.88
CA TRP E 112 1.68 -7.91 47.91
C TRP E 112 1.33 -8.49 49.27
N THR E 113 2.35 -8.65 50.11
CA THR E 113 2.12 -8.85 51.53
C THR E 113 1.26 -7.71 52.05
N ASN E 114 0.26 -8.05 52.86
CA ASN E 114 -0.56 -7.03 53.51
C ASN E 114 -0.06 -6.95 54.96
N CYS E 115 0.76 -5.93 55.23
CA CYS E 115 1.36 -5.78 56.54
C CYS E 115 0.32 -5.58 57.63
N SER E 116 -0.81 -4.93 57.30
CA SER E 116 -1.82 -4.60 58.31
C SER E 116 -2.46 -5.83 58.95
N LEU E 117 -2.23 -7.03 58.41
CA LEU E 117 -2.92 -8.20 58.92
C LEU E 117 -2.43 -8.61 60.30
N ASP E 118 -1.13 -8.47 60.55
CA ASP E 118 -0.58 -8.65 61.89
C ASP E 118 -0.19 -7.31 62.52
N GLY E 119 -0.89 -6.24 62.13
CA GLY E 119 -0.73 -4.94 62.75
C GLY E 119 0.51 -4.18 62.36
N LYS E 120 1.24 -4.62 61.35
CA LYS E 120 2.48 -3.98 60.94
C LYS E 120 2.19 -2.86 59.95
N SER E 121 3.24 -2.14 59.57
CA SER E 121 3.16 -0.96 58.71
C SER E 121 3.91 -1.22 57.42
N VAL E 122 3.69 -0.36 56.44
CA VAL E 122 4.41 -0.42 55.17
C VAL E 122 5.54 0.59 55.25
N LEU E 123 6.77 0.09 55.23
CA LEU E 123 7.95 0.95 55.24
C LEU E 123 8.34 1.35 53.82
N VAL E 124 8.37 0.38 52.91
CA VAL E 124 8.65 0.63 51.51
C VAL E 124 7.53 0.00 50.69
N ASN E 125 6.86 0.81 49.89
CA ASN E 125 5.77 0.30 49.07
C ASN E 125 6.33 -0.60 47.97
N GLY E 126 5.46 -1.48 47.47
CA GLY E 126 5.86 -2.38 46.40
C GLY E 126 5.59 -1.78 45.02
N THR E 127 6.04 -2.50 44.00
CA THR E 127 5.74 -2.16 42.63
C THR E 127 5.31 -3.42 41.88
N LYS E 128 5.22 -3.35 40.55
CA LYS E 128 5.03 -4.57 39.78
C LYS E 128 6.20 -5.54 39.94
N GLU E 129 7.37 -5.03 40.35
CA GLU E 129 8.59 -5.83 40.38
C GLU E 129 8.99 -6.29 41.77
N ARG E 130 8.39 -5.78 42.84
CA ARG E 130 8.86 -6.10 44.18
C ARG E 130 7.70 -6.06 45.18
N ASP E 131 7.81 -6.90 46.20
CA ASP E 131 6.85 -6.91 47.30
C ASP E 131 7.09 -5.72 48.22
N VAL E 132 6.05 -5.34 48.96
CA VAL E 132 6.23 -4.31 49.97
C VAL E 132 7.18 -4.81 51.06
N VAL E 133 7.79 -3.86 51.76
CA VAL E 133 8.59 -4.15 52.94
C VAL E 133 7.78 -3.67 54.14
N CYS E 134 7.51 -4.58 55.07
CA CYS E 134 6.76 -4.26 56.27
C CYS E 134 7.69 -3.72 57.35
N GLY E 135 7.15 -2.85 58.19
CA GLY E 135 7.90 -2.30 59.30
C GLY E 135 7.19 -2.54 60.61
N PRO E 136 7.63 -1.85 61.66
CA PRO E 136 7.00 -2.01 62.97
C PRO E 136 5.56 -1.49 62.98
N SER E 137 4.88 -1.78 64.09
CA SER E 137 3.51 -1.33 64.26
C SER E 137 3.44 0.20 64.13
N PRO E 138 2.37 0.74 63.53
CA PRO E 138 2.28 2.20 63.41
C PRO E 138 2.39 2.93 64.72
N GLU E 139 1.93 2.32 65.81
CA GLU E 139 2.03 2.92 67.14
C GLU E 139 3.39 2.70 67.80
N ASN E 140 4.27 1.91 67.19
CA ASN E 140 5.61 1.69 67.71
C ASN E 140 6.38 3.01 67.78
N LEU E 141 7.22 3.14 68.79
CA LEU E 141 8.05 4.34 68.96
C LEU E 141 9.00 4.56 67.78
N TYR E 142 9.16 3.56 66.91
CA TYR E 142 9.90 3.72 65.66
C TYR E 142 9.35 4.87 64.84
N PHE E 143 8.04 5.07 64.88
CA PHE E 143 7.37 6.11 64.08
C PHE E 143 7.12 7.40 64.85
N GLN E 144 7.25 7.39 66.17
CA GLN E 144 7.12 8.58 67.01
C GLN E 144 5.77 9.27 66.85
N GLN F 1 22.72 -14.92 -40.04
CA GLN F 1 22.92 -14.71 -38.61
C GLN F 1 21.88 -13.76 -38.04
N ASP F 2 22.32 -12.86 -37.16
CA ASP F 2 21.42 -11.93 -36.48
C ASP F 2 21.67 -10.51 -36.97
N PRO F 3 20.78 -9.93 -37.77
CA PRO F 3 21.03 -8.59 -38.32
C PRO F 3 20.94 -7.46 -37.29
N CYS F 4 20.35 -7.70 -36.11
CA CYS F 4 20.28 -6.63 -35.11
C CYS F 4 21.66 -6.25 -34.59
N SER F 5 22.66 -7.11 -34.75
CA SER F 5 23.99 -6.84 -34.20
C SER F 5 24.65 -5.64 -34.87
N ASN F 6 24.17 -5.20 -36.03
CA ASN F 6 24.77 -4.11 -36.76
C ASN F 6 24.05 -2.78 -36.57
N CYS F 7 22.92 -2.76 -35.88
CA CYS F 7 22.28 -1.50 -35.50
C CYS F 7 23.16 -0.78 -34.49
N PRO F 8 23.73 0.37 -34.82
CA PRO F 8 24.67 1.03 -33.90
C PRO F 8 23.95 1.71 -32.75
N ALA F 9 24.75 2.17 -31.79
CA ALA F 9 24.23 3.05 -30.77
C ALA F 9 23.57 4.25 -31.42
N GLY F 10 22.43 4.68 -30.88
CA GLY F 10 21.60 5.66 -31.53
C GLY F 10 20.50 5.08 -32.38
N THR F 11 20.48 3.77 -32.57
CA THR F 11 19.39 3.08 -33.22
C THR F 11 18.94 1.91 -32.36
N PHE F 12 17.84 1.30 -32.77
CA PHE F 12 17.37 0.06 -32.17
C PHE F 12 16.85 -0.86 -33.26
N CYS F 13 16.88 -2.16 -32.96
CA CYS F 13 16.41 -3.16 -33.92
C CYS F 13 14.89 -3.24 -33.82
N ASP F 14 14.22 -2.77 -34.87
CA ASP F 14 12.79 -2.49 -34.83
C ASP F 14 12.01 -3.73 -35.26
N ASN F 15 11.32 -4.36 -34.31
CA ASN F 15 10.43 -5.48 -34.62
C ASN F 15 9.07 -5.00 -35.12
N ASN F 16 8.83 -3.69 -35.18
CA ASN F 16 7.54 -3.15 -35.61
C ASN F 16 7.53 -2.65 -37.05
N ARG F 17 8.69 -2.36 -37.63
CA ARG F 17 8.78 -1.86 -39.00
C ARG F 17 9.46 -2.88 -39.89
N ASN F 18 9.30 -2.70 -41.21
CA ASN F 18 9.99 -3.56 -42.16
C ASN F 18 11.50 -3.38 -42.06
N GLN F 19 11.95 -2.13 -41.90
CA GLN F 19 13.37 -1.88 -41.74
C GLN F 19 13.91 -2.59 -40.50
N ILE F 20 15.23 -2.85 -40.53
CA ILE F 20 15.86 -3.66 -39.48
C ILE F 20 16.23 -2.77 -38.30
N CYS F 21 16.92 -1.66 -38.56
CA CYS F 21 17.26 -0.67 -37.54
C CYS F 21 16.51 0.62 -37.82
N SER F 22 15.98 1.22 -36.76
CA SER F 22 15.36 2.54 -36.81
C SER F 22 16.08 3.46 -35.85
N PRO F 23 16.19 4.75 -36.16
CA PRO F 23 16.77 5.68 -35.18
C PRO F 23 15.96 5.68 -33.90
N CYS F 24 16.65 5.89 -32.76
CA CYS F 24 15.93 6.04 -31.49
C CYS F 24 14.83 7.09 -31.60
N PRO F 25 13.65 6.82 -31.05
CA PRO F 25 12.58 7.80 -31.04
C PRO F 25 13.01 9.03 -30.25
N PRO F 26 12.30 10.15 -30.42
CA PRO F 26 12.60 11.34 -29.63
C PRO F 26 12.63 11.04 -28.14
N ASN F 27 13.48 11.78 -27.42
CA ASN F 27 13.60 11.68 -25.97
C ASN F 27 14.03 10.27 -25.53
N SER F 28 14.87 9.63 -26.33
CA SER F 28 15.37 8.30 -26.00
C SER F 28 16.78 8.14 -26.52
N PHE F 29 17.41 7.04 -26.14
CA PHE F 29 18.81 6.81 -26.46
C PHE F 29 19.10 5.33 -26.39
N SER F 30 20.15 4.93 -27.10
CA SER F 30 20.70 3.58 -27.01
C SER F 30 22.22 3.75 -26.96
N SER F 31 22.82 3.35 -25.84
CA SER F 31 24.25 3.58 -25.64
C SER F 31 25.11 2.47 -26.20
N ALA F 32 24.54 1.29 -26.45
CA ALA F 32 25.25 0.21 -27.13
C ALA F 32 24.52 -0.17 -28.41
N GLY F 33 25.21 -0.91 -29.27
CA GLY F 33 24.56 -1.43 -30.46
C GLY F 33 23.78 -2.70 -30.18
N GLY F 34 22.94 -3.08 -31.13
CA GLY F 34 22.17 -4.30 -31.03
C GLY F 34 21.09 -4.32 -29.98
N GLN F 35 20.57 -3.17 -29.58
CA GLN F 35 19.44 -3.12 -28.66
C GLN F 35 18.13 -3.26 -29.41
N ARG F 36 17.15 -3.90 -28.77
CA ARG F 36 15.81 -4.02 -29.36
C ARG F 36 14.91 -2.83 -29.07
N THR F 37 15.28 -2.00 -28.10
CA THR F 37 14.59 -0.76 -27.78
C THR F 37 15.63 0.26 -27.35
N CYS F 38 15.21 1.51 -27.36
CA CYS F 38 15.99 2.59 -26.76
C CYS F 38 15.39 2.94 -25.41
N ASP F 39 16.19 3.56 -24.56
CA ASP F 39 15.78 3.89 -23.20
C ASP F 39 15.31 5.33 -23.12
N ILE F 40 14.22 5.56 -22.37
CA ILE F 40 13.71 6.90 -22.21
C ILE F 40 14.76 7.76 -21.52
N CYS F 41 14.96 8.98 -22.03
CA CYS F 41 15.96 9.87 -21.45
C CYS F 41 15.56 10.27 -20.04
N ARG F 42 16.55 10.45 -19.19
CA ARG F 42 16.33 11.07 -17.90
C ARG F 42 15.92 12.52 -18.09
N GLN F 43 14.87 12.95 -17.40
CA GLN F 43 14.47 14.35 -17.40
C GLN F 43 14.92 15.01 -16.09
N CYS F 44 15.47 16.22 -16.21
CA CYS F 44 15.93 16.99 -15.04
C CYS F 44 15.07 18.24 -14.91
N LYS F 45 14.01 18.13 -14.10
CA LYS F 45 13.07 19.22 -13.89
C LYS F 45 12.94 19.51 -12.39
N GLY F 46 12.26 20.60 -12.07
CA GLY F 46 12.06 21.03 -10.71
C GLY F 46 13.33 21.38 -9.97
N VAL F 47 13.66 20.61 -8.93
CA VAL F 47 14.91 20.86 -8.21
C VAL F 47 16.12 20.51 -9.06
N PHE F 48 15.96 19.63 -10.05
CA PHE F 48 17.04 19.20 -10.92
C PHE F 48 17.24 20.17 -12.08
N ARG F 49 18.48 20.30 -12.50
CA ARG F 49 18.83 21.02 -13.71
C ARG F 49 19.47 20.05 -14.69
N THR F 50 19.40 20.40 -15.97
CA THR F 50 20.04 19.57 -16.98
C THR F 50 21.51 19.98 -17.06
N ARG F 51 22.39 19.16 -16.49
CA ARG F 51 23.82 19.41 -16.59
C ARG F 51 24.35 18.98 -17.96
N LYS F 52 23.97 17.79 -18.42
CA LYS F 52 24.31 17.31 -19.75
C LYS F 52 23.03 16.81 -20.42
N GLU F 53 22.78 17.26 -21.64
CA GLU F 53 21.55 16.93 -22.31
C GLU F 53 21.60 15.53 -22.91
N CYS F 54 20.43 14.96 -23.12
CA CYS F 54 20.33 13.65 -23.74
C CYS F 54 20.69 13.73 -25.22
N SER F 55 21.41 12.72 -25.70
CA SER F 55 21.63 12.51 -27.13
C SER F 55 21.12 11.13 -27.51
N SER F 56 21.12 10.84 -28.81
CA SER F 56 20.66 9.53 -29.25
C SER F 56 21.51 8.39 -28.70
N THR F 57 22.74 8.67 -28.27
CA THR F 57 23.63 7.63 -27.77
C THR F 57 23.98 7.79 -26.30
N SER F 58 23.48 8.81 -25.62
CA SER F 58 23.94 9.11 -24.26
C SER F 58 22.81 9.68 -23.44
N ASN F 59 22.63 9.14 -22.23
CA ASN F 59 21.59 9.64 -21.34
C ASN F 59 21.94 11.03 -20.82
N ALA F 60 20.89 11.84 -20.63
CA ALA F 60 21.05 13.11 -19.95
C ALA F 60 21.53 12.88 -18.52
N GLU F 61 22.17 13.91 -17.96
CA GLU F 61 22.64 13.86 -16.57
C GLU F 61 22.17 15.11 -15.84
N CYS F 62 21.77 14.95 -14.57
CA CYS F 62 21.24 16.07 -13.81
C CYS F 62 22.24 16.52 -12.76
N ASP F 63 22.13 17.79 -12.39
CA ASP F 63 22.67 18.25 -11.11
C ASP F 63 21.55 18.96 -10.35
N CYS F 64 21.88 19.59 -9.22
CA CYS F 64 20.85 20.23 -8.42
C CYS F 64 20.94 21.75 -8.57
N THR F 65 19.78 22.40 -8.49
CA THR F 65 19.72 23.84 -8.67
C THR F 65 20.51 24.51 -7.53
N PRO F 66 21.10 25.68 -7.79
CA PRO F 66 21.96 26.32 -6.78
C PRO F 66 21.30 26.41 -5.40
N GLY F 67 22.14 26.24 -4.37
CA GLY F 67 21.67 26.07 -3.00
C GLY F 67 21.32 24.64 -2.63
N PHE F 68 21.38 23.70 -3.58
CA PHE F 68 21.20 22.28 -3.32
C PHE F 68 22.39 21.53 -3.86
N HIS F 69 22.62 20.34 -3.31
CA HIS F 69 23.67 19.47 -3.79
C HIS F 69 23.08 18.09 -4.07
N CYS F 70 23.77 17.35 -4.95
CA CYS F 70 23.35 16.00 -5.28
C CYS F 70 23.64 15.05 -4.13
N LEU F 71 22.80 14.03 -4.02
CA LEU F 71 22.95 12.95 -3.07
C LEU F 71 22.76 11.65 -3.83
N GLY F 72 23.72 10.75 -3.74
CA GLY F 72 23.59 9.48 -4.46
C GLY F 72 24.17 9.53 -5.86
N ALA F 73 24.63 8.37 -6.32
CA ALA F 73 25.24 8.28 -7.65
C ALA F 73 24.23 8.66 -8.73
N GLY F 74 24.71 9.36 -9.76
CA GLY F 74 23.83 9.86 -10.78
C GLY F 74 22.93 10.99 -10.34
N CYS F 75 23.22 11.61 -9.19
CA CYS F 75 22.43 12.70 -8.64
C CYS F 75 20.97 12.28 -8.44
N SER F 76 20.81 11.22 -7.64
CA SER F 76 19.49 10.62 -7.46
C SER F 76 18.53 11.56 -6.75
N MET F 77 19.01 12.32 -5.77
CA MET F 77 18.13 13.28 -5.13
C MET F 77 18.94 14.47 -4.67
N CYS F 78 18.22 15.56 -4.40
CA CYS F 78 18.84 16.82 -4.04
C CYS F 78 18.67 17.06 -2.54
N GLU F 79 19.60 17.83 -1.97
CA GLU F 79 19.55 18.17 -0.57
C GLU F 79 20.04 19.60 -0.37
N GLN F 80 19.30 20.39 0.40
CA GLN F 80 19.73 21.75 0.72
C GLN F 80 21.14 21.74 1.29
N ASP F 81 21.94 22.71 0.86
CA ASP F 81 23.29 22.85 1.40
C ASP F 81 23.24 22.87 2.93
N CYS F 82 24.16 22.16 3.55
CA CYS F 82 24.13 21.98 4.99
C CYS F 82 24.33 23.34 5.67
N LYS F 83 23.65 23.51 6.81
CA LYS F 83 23.69 24.78 7.52
C LYS F 83 24.79 24.77 8.58
N GLN F 84 24.87 25.89 9.30
CA GLN F 84 25.75 25.98 10.46
C GLN F 84 25.47 24.83 11.43
N GLY F 85 26.54 24.20 11.91
CA GLY F 85 26.43 23.10 12.85
C GLY F 85 26.36 21.72 12.24
N GLN F 86 26.39 21.61 10.92
CA GLN F 86 26.48 20.31 10.26
C GLN F 86 27.56 20.32 9.20
N GLU F 87 27.89 19.11 8.74
CA GLU F 87 28.77 18.91 7.59
C GLU F 87 28.13 17.89 6.66
N LEU F 88 28.60 17.88 5.42
CA LEU F 88 28.04 17.00 4.40
C LEU F 88 28.74 15.66 4.44
N THR F 89 27.96 14.59 4.60
CA THR F 89 28.42 13.22 4.45
C THR F 89 27.75 12.60 3.23
N LYS F 90 28.19 11.39 2.86
CA LYS F 90 27.60 10.73 1.70
C LYS F 90 26.13 10.41 1.91
N LYS F 91 25.71 10.24 3.17
CA LYS F 91 24.32 9.99 3.50
C LYS F 91 23.54 11.28 3.81
N GLY F 92 24.08 12.44 3.46
CA GLY F 92 23.41 13.71 3.67
C GLY F 92 24.05 14.55 4.77
N CYS F 93 23.36 15.63 5.14
CA CYS F 93 23.86 16.54 6.15
C CYS F 93 23.75 15.91 7.54
N LYS F 94 24.84 16.00 8.32
CA LYS F 94 24.89 15.37 9.61
C LYS F 94 25.42 16.35 10.65
N ASP F 95 24.81 16.33 11.83
CA ASP F 95 25.29 17.16 12.92
C ASP F 95 26.77 16.90 13.18
N CYS F 96 27.48 17.95 13.60
CA CYS F 96 28.84 17.77 14.06
C CYS F 96 28.87 16.87 15.29
N CYS F 97 29.81 15.94 15.33
CA CYS F 97 29.95 15.06 16.48
C CYS F 97 30.41 15.85 17.70
N PHE F 98 30.08 15.34 18.88
CA PHE F 98 30.38 16.06 20.11
C PHE F 98 31.87 16.41 20.18
N GLY F 99 32.16 17.64 20.59
CA GLY F 99 33.52 18.14 20.62
C GLY F 99 33.96 18.91 19.39
N THR F 100 33.24 18.78 18.28
CA THR F 100 33.56 19.48 17.05
C THR F 100 32.50 20.55 16.78
N PHE F 101 32.83 21.46 15.86
CA PHE F 101 31.91 22.53 15.52
C PHE F 101 32.06 22.92 14.06
N ASN F 102 31.03 23.58 13.55
CA ASN F 102 31.08 24.26 12.26
C ASN F 102 30.19 25.48 12.36
N ASP F 103 30.74 26.66 12.04
CA ASP F 103 30.09 27.93 12.28
C ASP F 103 29.45 28.55 11.04
N GLN F 104 29.55 27.90 9.88
CA GLN F 104 29.12 28.52 8.63
C GLN F 104 28.42 27.50 7.75
N LYS F 105 27.55 28.01 6.88
CA LYS F 105 26.97 27.18 5.84
C LYS F 105 28.06 26.46 5.07
N ARG F 106 27.76 25.23 4.64
CA ARG F 106 28.64 24.45 3.76
C ARG F 106 30.04 24.27 4.34
N GLY F 107 30.15 24.19 5.68
CA GLY F 107 31.42 24.01 6.33
C GLY F 107 31.71 22.55 6.67
N ILE F 108 32.83 22.35 7.37
CA ILE F 108 33.25 21.04 7.83
C ILE F 108 33.41 21.10 9.35
N CYS F 109 33.00 20.04 10.03
CA CYS F 109 33.15 19.98 11.48
C CYS F 109 34.61 19.83 11.87
N ARG F 110 35.07 20.68 12.79
CA ARG F 110 36.43 20.65 13.28
C ARG F 110 36.42 20.72 14.80
N PRO F 111 37.39 20.09 15.46
CA PRO F 111 37.37 20.07 16.93
C PRO F 111 37.51 21.46 17.51
N TRP F 112 36.99 21.61 18.73
CA TRP F 112 37.10 22.87 19.45
C TRP F 112 38.55 23.19 19.76
N THR F 113 38.82 24.46 20.00
CA THR F 113 40.08 24.85 20.61
C THR F 113 40.20 24.20 21.99
N ASN F 114 41.36 23.60 22.26
CA ASN F 114 41.66 23.09 23.60
C ASN F 114 42.45 24.17 24.31
N CYS F 115 41.72 25.02 25.03
CA CYS F 115 42.35 26.11 25.74
C CYS F 115 43.33 25.59 26.78
N SER F 116 42.99 24.49 27.40
CA SER F 116 43.83 23.90 28.45
C SER F 116 45.23 23.59 27.94
N LEU F 117 45.38 23.32 26.64
CA LEU F 117 46.70 23.08 26.08
C LEU F 117 47.54 24.35 26.11
N ASP F 118 46.94 25.50 25.82
CA ASP F 118 47.63 26.78 25.95
C ASP F 118 47.55 27.35 27.36
N GLY F 119 46.97 26.60 28.29
CA GLY F 119 46.91 27.04 29.68
C GLY F 119 45.83 28.07 29.94
N LYS F 120 44.79 28.11 29.12
CA LYS F 120 43.74 29.11 29.26
C LYS F 120 42.46 28.44 29.74
N SER F 121 41.59 29.21 30.34
CA SER F 121 40.33 28.69 30.81
C SER F 121 39.28 28.72 29.72
N VAL F 122 38.13 28.16 30.03
CA VAL F 122 37.00 28.14 29.11
C VAL F 122 35.95 29.09 29.65
N LEU F 123 35.77 30.22 28.96
CA LEU F 123 34.76 31.19 29.38
C LEU F 123 33.38 30.79 28.90
N VAL F 124 33.27 30.37 27.64
CA VAL F 124 32.03 29.93 27.04
C VAL F 124 32.29 28.63 26.29
N ASN F 125 31.55 27.59 26.63
CA ASN F 125 31.72 26.31 25.98
C ASN F 125 31.18 26.35 24.55
N GLY F 126 31.77 25.56 23.69
CA GLY F 126 31.32 25.48 22.32
C GLY F 126 30.12 24.58 22.17
N THR F 127 29.53 24.63 20.99
CA THR F 127 28.49 23.68 20.61
C THR F 127 28.80 23.18 19.21
N LYS F 128 27.91 22.37 18.61
CA LYS F 128 28.14 21.99 17.23
C LYS F 128 28.15 23.19 16.31
N GLU F 129 27.62 24.34 16.76
CA GLU F 129 27.50 25.51 15.92
C GLU F 129 28.56 26.57 16.19
N ARG F 130 29.35 26.43 17.27
CA ARG F 130 30.26 27.50 17.65
C ARG F 130 31.49 26.92 18.35
N ASP F 131 32.62 27.60 18.15
CA ASP F 131 33.83 27.24 18.86
C ASP F 131 33.76 27.74 20.29
N VAL F 132 34.60 27.14 21.15
CA VAL F 132 34.74 27.64 22.51
C VAL F 132 35.29 29.06 22.49
N VAL F 133 35.07 29.76 23.58
CA VAL F 133 35.64 31.07 23.76
C VAL F 133 36.56 30.90 24.94
N CYS F 134 37.86 30.93 24.72
CA CYS F 134 38.82 30.78 25.80
C CYS F 134 39.07 32.09 26.49
N GLY F 135 39.37 32.06 27.77
CA GLY F 135 39.65 33.29 28.47
C GLY F 135 41.13 33.43 28.76
N PRO F 136 41.46 34.15 29.84
CA PRO F 136 42.83 34.37 30.28
C PRO F 136 43.23 33.18 31.10
N SER F 137 44.46 33.15 31.53
CA SER F 137 44.90 32.01 32.31
C SER F 137 44.04 32.00 33.55
N PRO F 138 43.83 30.82 34.13
CA PRO F 138 42.97 30.67 35.31
C PRO F 138 43.57 31.49 36.44
N GLU F 139 44.88 31.48 36.50
CA GLU F 139 45.65 32.23 37.49
C GLU F 139 45.43 33.73 37.37
N ASN F 140 45.25 34.22 36.15
CA ASN F 140 45.07 35.64 35.91
C ASN F 140 43.92 36.18 36.72
N LEU F 141 44.19 37.36 37.25
CA LEU F 141 43.45 38.09 38.26
C LEU F 141 41.97 38.06 38.01
N TYR F 142 41.62 37.73 36.78
CA TYR F 142 40.23 37.58 36.39
C TYR F 142 39.62 36.49 37.30
N PHE F 143 40.30 35.36 37.51
CA PHE F 143 39.86 34.33 38.42
C PHE F 143 40.38 34.60 39.84
N GLN F 144 39.48 34.70 40.81
CA GLN F 144 39.85 34.98 42.19
C GLN F 144 40.22 33.72 42.97
C1 NAG G . -6.06 38.27 27.27
C2 NAG G . -5.00 39.28 27.70
C3 NAG G . -4.44 40.02 26.48
C4 NAG G . -3.92 39.03 25.45
C5 NAG G . -5.07 38.09 25.08
C6 NAG G . -4.71 37.02 24.06
C7 NAG G . -5.38 40.14 29.98
C8 NAG G . -4.55 38.98 30.46
N2 NAG G . -5.55 40.23 28.65
O3 NAG G . -3.49 41.01 26.89
O4 NAG G . -3.46 39.73 24.29
O5 NAG G . -5.53 37.40 26.25
O6 NAG G . -4.07 35.93 24.71
O7 NAG G . -5.86 40.95 30.76
C1 FUC G . -2.16 40.51 27.16
C2 FUC G . -1.18 41.58 26.62
C3 FUC G . -1.34 42.86 27.42
C4 FUC G . -0.99 42.59 28.88
C5 FUC G . -1.82 41.41 29.44
C6 FUC G . -1.23 40.87 30.72
O2 FUC G . -1.37 41.85 25.23
O3 FUC G . -0.44 43.83 26.93
O4 FUC G . 0.40 42.31 29.00
O5 FUC G . -1.92 40.27 28.53
C1 NAG G . -2.25 39.19 23.69
C2 NAG G . -1.90 40.05 22.48
C3 NAG G . -0.65 39.52 21.79
C4 NAG G . 0.50 39.39 22.78
C5 NAG G . 0.06 38.55 23.98
C6 NAG G . 1.12 38.48 25.06
C7 NAG G . -3.72 41.25 21.36
C8 NAG G . -4.84 41.15 20.36
N2 NAG G . -3.02 40.14 21.56
O3 NAG G . -0.28 40.40 20.73
O4 NAG G . 1.62 38.78 22.16
O5 NAG G . -1.12 39.12 24.59
O6 NAG G . 2.39 38.17 24.51
O7 NAG G . -3.47 42.30 21.94
C1 FUC G . -3.65 34.95 23.74
C2 FUC G . -2.24 34.58 24.13
C3 FUC G . -2.25 34.21 25.63
C4 FUC G . -3.20 32.99 25.85
C5 FUC G . -4.57 33.24 25.16
C6 FUC G . -5.41 31.97 25.01
O2 FUC G . -1.31 35.61 23.85
O3 FUC G . -0.94 33.84 26.08
O4 FUC G . -2.60 31.80 25.35
O5 FUC G . -4.47 33.82 23.83
C1 NAG H . 1.25 2.06 48.00
C2 NAG H . 0.56 3.30 48.58
C3 NAG H . -0.96 3.26 48.30
C4 NAG H . -1.27 2.93 46.84
C5 NAG H . -0.48 1.69 46.43
C6 NAG H . -0.61 1.27 44.98
C7 NAG H . 1.98 3.79 50.53
C8 NAG H . 2.05 3.82 52.03
N2 NAG H . 0.82 3.40 50.01
O3 NAG H . -1.54 4.52 48.65
O4 NAG H . -2.67 2.71 46.72
O5 NAG H . 0.92 1.91 46.66
O6 NAG H . -1.51 2.05 44.20
O7 NAG H . 2.94 4.09 49.84
C1 FUC H . -2.12 4.44 49.97
C2 FUC H . -1.68 5.72 50.77
C3 FUC H . -2.45 6.95 50.33
C4 FUC H . -3.94 6.71 50.48
C5 FUC H . -4.35 5.49 49.64
C6 FUC H . -5.79 5.07 49.88
O2 FUC H . -0.28 5.94 50.69
O3 FUC H . -2.13 8.06 51.18
O4 FUC H . -4.25 6.49 51.85
O5 FUC H . -3.55 4.32 49.93
C1 NAG H . -3.32 3.65 45.83
C2 NAG H . -4.72 3.12 45.49
C3 NAG H . -5.44 4.07 44.53
C4 NAG H . -5.42 5.50 45.09
C5 NAG H . -3.99 5.91 45.42
C6 NAG H . -3.90 7.29 46.03
C7 NAG H . -5.25 0.72 45.48
C8 NAG H . -5.07 -0.59 44.76
N2 NAG H . -4.66 1.79 44.92
O3 NAG H . -6.78 3.64 44.31
O4 NAG H . -5.97 6.39 44.14
O5 NAG H . -3.43 4.99 46.36
O6 NAG H . -3.23 8.19 45.15
O7 NAG H . -5.88 0.81 46.53
C1 FUC H . -0.83 3.00 43.37
C2 FUC H . 0.26 2.33 42.48
C3 FUC H . 0.74 3.25 41.35
C4 FUC H . 0.28 4.73 41.54
C5 FUC H . -1.25 4.80 41.78
C6 FUC H . -1.68 6.09 42.50
O2 FUC H . -0.18 1.07 41.95
O3 FUC H . 2.17 3.25 41.27
O4 FUC H . 1.00 5.35 42.61
O5 FUC H . -1.76 3.69 42.55
C1 NAG I . 31.82 21.66 27.50
C2 NAG I . 32.09 21.41 28.95
C3 NAG I . 32.74 20.05 29.10
C4 NAG I . 31.76 18.98 28.62
C5 NAG I . 31.29 19.30 27.17
C6 NAG I . 30.02 18.55 26.78
C7 NAG I . 32.42 23.48 30.23
C8 NAG I . 33.41 24.46 30.75
N2 NAG I . 32.92 22.45 29.53
O3 NAG I . 33.23 19.88 30.43
O4 NAG I . 32.35 17.69 28.70
O5 NAG I . 30.94 20.68 27.01
O6 NAG I . 30.22 17.62 25.73
O7 NAG I . 31.21 23.60 30.44
C1 FUC I . 32.38 19.17 31.35
C2 FUC I . 33.21 17.89 31.78
C3 FUC I . 33.98 18.05 33.07
C4 FUC I . 33.08 18.65 34.13
C5 FUC I . 32.71 20.05 33.68
C6 FUC I . 31.87 20.80 34.71
O2 FUC I . 34.09 17.48 30.72
O3 FUC I . 34.41 16.77 33.54
O4 FUC I . 31.90 17.85 34.24
O5 FUC I . 31.94 20.01 32.46
C1 NAG I . 31.32 16.66 28.90
C2 NAG I . 31.89 15.26 28.65
C3 NAG I . 30.78 14.23 28.78
C4 NAG I . 30.07 14.36 30.12
C5 NAG I . 29.61 15.81 30.33
C6 NAG I . 29.00 16.04 31.70
C7 NAG I . 33.59 14.42 27.09
C8 NAG I . 34.12 14.47 25.68
N2 NAG I . 32.53 15.19 27.34
O3 NAG I . 31.31 12.91 28.63
O4 NAG I . 28.95 13.50 30.17
O5 NAG I . 30.72 16.71 30.22
O6 NAG I . 29.79 15.49 32.74
O7 NAG I . 34.11 13.71 27.95
C1 FUC I . 29.03 17.35 24.89
C2 FUC I . 27.70 17.01 25.76
C3 FUC I . 26.81 18.23 26.16
C4 FUC I . 26.59 19.19 24.96
C5 FUC I . 27.93 19.59 24.31
C6 FUC I . 27.74 20.40 23.02
O2 FUC I . 27.97 16.14 26.87
O3 FUC I . 25.54 17.81 26.63
O4 FUC I . 25.71 18.61 24.02
O5 FUC I . 28.77 18.45 23.94
C ACT J . -24.32 -2.95 4.57
O ACT J . -23.08 -3.11 4.55
OXT ACT J . -24.92 -3.48 5.52
CH3 ACT J . -25.04 -2.17 3.51
C ACT K . -17.29 -4.04 -16.64
O ACT K . -16.93 -2.94 -16.16
OXT ACT K . -18.29 -4.02 -17.38
CH3 ACT K . -16.56 -5.32 -16.33
C1 GOL L . -2.41 -6.87 9.85
O1 GOL L . -1.81 -7.48 10.98
C2 GOL L . -1.47 -5.80 9.28
O2 GOL L . -1.76 -4.57 9.89
C3 GOL L . -1.67 -5.68 7.77
O3 GOL L . -1.12 -4.48 7.26
C1 GOL M . -0.82 -3.39 -2.50
O1 GOL M . -2.22 -3.34 -2.67
C2 GOL M . -0.13 -3.17 -3.85
O2 GOL M . 1.17 -2.64 -3.71
C3 GOL M . -0.99 -2.29 -4.75
O3 GOL M . -1.49 -1.17 -4.07
C ACT N . 6.75 17.90 -16.38
O ACT N . 7.70 17.27 -16.91
OXT ACT N . 6.06 17.28 -15.54
CH3 ACT N . 6.47 19.32 -16.76
C ACT O . -24.40 -3.70 -21.80
O ACT O . -25.22 -2.84 -22.22
OXT ACT O . -24.82 -4.48 -20.91
CH3 ACT O . -23.00 -3.78 -22.32
C ACT P . 1.78 -23.44 5.25
O ACT P . 1.45 -23.34 4.04
OXT ACT P . 1.82 -24.61 5.70
CH3 ACT P . 2.09 -22.25 6.11
C1 GOL Q . 9.21 17.31 -22.14
O1 GOL Q . 10.30 18.15 -21.81
C2 GOL Q . 9.56 16.38 -23.31
O2 GOL Q . 9.41 15.03 -22.92
C3 GOL Q . 10.98 16.62 -23.79
O3 GOL Q . 11.00 17.65 -24.76
C1 GOL R . 25.38 23.19 -7.32
O1 GOL R . 23.99 22.94 -7.43
C2 GOL R . 25.77 23.16 -5.84
O2 GOL R . 27.08 22.67 -5.69
C3 GOL R . 25.67 24.57 -5.26
O3 GOL R . 24.86 24.54 -4.10
#